data_2Y6P
#
_entry.id   2Y6P
#
_cell.length_a   156.175
_cell.length_b   51.175
_cell.length_c   107.514
_cell.angle_alpha   90.00
_cell.angle_beta   102.68
_cell.angle_gamma   90.00
#
_symmetry.space_group_name_H-M   'C 1 2 1'
#
loop_
_entity.id
_entity.type
_entity.pdbx_description
1 polymer '3-DEOXY-MANNO-OCTULOSONATE CYTIDYLYLTRANSFERASE'
2 non-polymer "CYTIDINE-5'-TRIPHOSPHATE"
3 non-polymer 'MAGNESIUM ION'
4 non-polymer 'ISOPROPYL ALCOHOL'
5 non-polymer BETA-MERCAPTOETHANOL
6 water water
#
_entity_poly.entity_id   1
_entity_poly.type   'polypeptide(L)'
_entity_poly.pdbx_seq_one_letter_code
;MRRAVIIPARLGSTRLKEKPLKNLLGKPLIRWVVEGLVKTGERVILATDSERVKEVVEDLCEVFLTPSDLPSGSDRVLYV
VRDLDVDLIINYQGDEPFVYEEDIKLIFRELEKGERVVTLARKDKEAYERPEDVKVVLDREGYALYFSRSPIPYFRKNDT
FYPLKHVGIYGFRKETLMEFGAMPPSKLEQIEGLEQLRLLENGIKIKVLITENYYHGVDTEEDLKIVEEKLKNL
;
_entity_poly.pdbx_strand_id   A,B,C
#
# COMPACT_ATOMS: atom_id res chain seq x y z
N ARG A 2 1.49 -16.71 30.54
CA ARG A 2 0.61 -17.64 29.76
C ARG A 2 1.00 -17.59 28.29
N ARG A 3 2.30 -17.53 28.01
CA ARG A 3 2.83 -17.45 26.66
C ARG A 3 3.88 -18.52 26.42
N ALA A 4 3.97 -18.97 25.18
CA ALA A 4 5.07 -19.80 24.75
C ALA A 4 5.49 -19.46 23.33
N VAL A 5 6.78 -19.59 23.04
CA VAL A 5 7.28 -19.67 21.67
C VAL A 5 7.53 -21.14 21.39
N ILE A 6 6.86 -21.67 20.36
CA ILE A 6 7.05 -23.07 19.95
C ILE A 6 7.83 -23.12 18.64
N ILE A 7 8.80 -24.02 18.56
CA ILE A 7 9.63 -24.16 17.40
C ILE A 7 9.47 -25.60 16.90
N PRO A 8 8.90 -25.77 15.70
CA PRO A 8 8.97 -27.12 15.16
C PRO A 8 10.29 -27.31 14.42
N ALA A 9 11.06 -28.32 14.80
CA ALA A 9 12.28 -28.64 14.03
C ALA A 9 12.50 -30.14 13.87
N ARG A 10 12.02 -30.68 12.76
CA ARG A 10 12.29 -32.09 12.41
C ARG A 10 13.70 -32.31 11.86
N LEU A 11 14.20 -33.54 12.02
CA LEU A 11 15.55 -33.90 11.57
C LEU A 11 15.62 -34.12 10.05
N GLY A 12 14.57 -34.73 9.50
CA GLY A 12 14.54 -35.19 8.11
C GLY A 12 14.30 -34.13 7.04
N SER A 13 15.04 -33.03 7.11
CA SER A 13 14.99 -32.02 6.05
C SER A 13 15.55 -32.63 4.76
N THR A 14 15.01 -32.25 3.60
CA THR A 14 15.45 -32.93 2.38
C THR A 14 16.41 -32.11 1.51
N ARG A 15 16.24 -30.80 1.52
CA ARG A 15 17.09 -29.92 0.71
C ARG A 15 18.47 -29.71 1.33
N LEU A 16 18.55 -29.78 2.65
CA LEU A 16 19.81 -29.87 3.40
C LEU A 16 19.73 -31.06 4.33
N LYS A 17 20.79 -31.85 4.39
CA LYS A 17 20.82 -33.01 5.26
C LYS A 17 20.85 -32.59 6.75
N GLU A 18 19.88 -33.09 7.52
CA GLU A 18 19.79 -32.92 8.97
C GLU A 18 19.93 -31.47 9.46
N LYS A 19 19.17 -30.58 8.82
CA LYS A 19 19.14 -29.11 9.06
C LYS A 19 19.46 -28.63 10.48
N PRO A 20 18.64 -29.03 11.48
CA PRO A 20 18.82 -28.54 12.85
C PRO A 20 20.24 -28.72 13.36
N LEU A 21 20.93 -29.74 12.85
CA LEU A 21 22.25 -30.09 13.32
C LEU A 21 23.38 -29.49 12.48
N LYS A 22 23.04 -28.87 11.34
CA LYS A 22 24.03 -28.26 10.45
C LYS A 22 24.74 -27.10 11.15
N ASN A 23 26.07 -27.14 11.13
CA ASN A 23 26.87 -26.12 11.79
C ASN A 23 26.86 -24.79 11.07
N LEU A 24 26.57 -23.74 11.84
CA LEU A 24 26.65 -22.39 11.38
C LEU A 24 27.67 -21.68 12.26
N LEU A 25 28.83 -21.37 11.68
CA LEU A 25 29.94 -20.76 12.40
C LEU A 25 30.25 -21.55 13.68
N GLY A 26 30.33 -22.87 13.54
CA GLY A 26 30.68 -23.76 14.64
C GLY A 26 29.57 -24.10 15.62
N LYS A 27 28.35 -23.68 15.33
CA LYS A 27 27.20 -23.95 16.21
C LYS A 27 26.00 -24.45 15.40
N PRO A 28 25.37 -25.56 15.85
CA PRO A 28 24.20 -26.13 15.15
C PRO A 28 23.06 -25.11 14.99
N LEU A 29 22.43 -25.13 13.82
CA LEU A 29 21.36 -24.19 13.43
C LEU A 29 20.30 -23.99 14.51
N ILE A 30 19.83 -25.10 15.08
CA ILE A 30 18.75 -25.09 16.07
C ILE A 30 19.19 -24.42 17.38
N ARG A 31 20.49 -24.48 17.69
CA ARG A 31 21.00 -23.79 18.86
C ARG A 31 21.00 -22.29 18.67
N TRP A 32 21.37 -21.81 17.47
CA TRP A 32 21.24 -20.38 17.14
C TRP A 32 19.80 -19.91 17.41
N VAL A 33 18.83 -20.66 16.88
CA VAL A 33 17.42 -20.28 17.02
C VAL A 33 17.00 -20.26 18.48
N VAL A 34 17.33 -21.34 19.20
CA VAL A 34 16.97 -21.46 20.61
C VAL A 34 17.68 -20.42 21.48
N GLU A 35 18.98 -20.20 21.25
CA GLU A 35 19.73 -19.18 22.03
C GLU A 35 19.06 -17.82 21.89
N GLY A 36 18.83 -17.42 20.63
CA GLY A 36 18.17 -16.15 20.34
C GLY A 36 16.81 -16.02 20.99
N LEU A 37 16.05 -17.11 21.05
CA LEU A 37 14.68 -17.03 21.59
C LEU A 37 14.61 -17.00 23.11
N VAL A 38 15.54 -17.71 23.76
CA VAL A 38 15.65 -17.73 25.22
C VAL A 38 16.03 -16.34 25.76
N LYS A 39 16.91 -15.65 25.03
CA LYS A 39 17.34 -14.29 25.43
C LYS A 39 16.20 -13.28 25.57
N THR A 40 15.07 -13.54 24.89
CA THR A 40 13.87 -12.71 24.99
C THR A 40 13.18 -12.83 26.35
N GLY A 41 13.54 -13.87 27.10
CA GLY A 41 12.97 -14.11 28.43
C GLY A 41 11.66 -14.87 28.42
N GLU A 42 11.21 -15.30 27.24
CA GLU A 42 9.94 -16.05 27.11
C GLU A 42 10.14 -17.55 27.33
N ARG A 43 9.05 -18.26 27.55
CA ARG A 43 9.08 -19.74 27.59
C ARG A 43 9.24 -20.33 26.17
N VAL A 44 10.31 -21.10 25.97
CA VAL A 44 10.64 -21.63 24.65
C VAL A 44 10.51 -23.16 24.64
N ILE A 45 9.76 -23.68 23.67
CA ILE A 45 9.51 -25.14 23.56
C ILE A 45 9.88 -25.65 22.19
N LEU A 46 10.87 -26.55 22.12
CA LEU A 46 11.25 -27.18 20.86
C LEU A 46 10.43 -28.44 20.67
N ALA A 47 9.84 -28.58 19.49
CA ALA A 47 9.16 -29.81 19.12
C ALA A 47 9.98 -30.44 18.01
N THR A 48 10.46 -31.66 18.27
CA THR A 48 11.36 -32.32 17.36
C THR A 48 11.08 -33.81 17.37
N ASP A 49 11.76 -34.55 16.49
CA ASP A 49 11.57 -36.00 16.36
C ASP A 49 12.91 -36.73 16.47
N SER A 50 13.88 -36.12 17.14
CA SER A 50 15.16 -36.75 17.30
C SER A 50 15.76 -36.36 18.63
N GLU A 51 16.29 -37.34 19.36
CA GLU A 51 17.01 -37.01 20.59
C GLU A 51 18.33 -36.31 20.30
N ARG A 52 18.92 -36.56 19.13
CA ARG A 52 20.14 -35.88 18.71
C ARG A 52 19.92 -34.37 18.63
N VAL A 53 18.73 -33.97 18.16
CA VAL A 53 18.33 -32.55 18.14
C VAL A 53 17.99 -32.06 19.56
N LYS A 54 17.25 -32.86 20.31
CA LYS A 54 16.90 -32.51 21.69
C LYS A 54 18.17 -32.24 22.53
N GLU A 55 19.15 -33.13 22.40
CA GLU A 55 20.41 -33.07 23.15
C GLU A 55 21.19 -31.80 22.90
N VAL A 56 21.01 -31.18 21.73
CA VAL A 56 21.71 -29.93 21.42
C VAL A 56 21.20 -28.70 22.19
N VAL A 57 19.91 -28.68 22.54
CA VAL A 57 19.30 -27.50 23.19
C VAL A 57 18.67 -27.75 24.56
N GLU A 58 18.68 -29.03 24.97
CA GLU A 58 18.16 -29.53 26.24
C GLU A 58 18.42 -28.63 27.45
N ASP A 59 19.67 -28.18 27.54
CA ASP A 59 20.14 -27.30 28.62
C ASP A 59 19.41 -25.96 28.68
N LEU A 60 18.87 -25.51 27.54
CA LEU A 60 18.35 -24.15 27.42
C LEU A 60 16.82 -24.04 27.52
N CYS A 61 16.10 -25.00 26.95
CA CYS A 61 14.64 -24.95 26.87
C CYS A 61 14.03 -26.33 27.00
N GLU A 62 12.70 -26.40 27.09
CA GLU A 62 11.98 -27.67 27.07
C GLU A 62 11.96 -28.24 25.65
N VAL A 63 12.10 -29.55 25.55
CA VAL A 63 11.96 -30.25 24.28
C VAL A 63 10.87 -31.33 24.44
N PHE A 64 10.02 -31.45 23.43
CA PHE A 64 9.06 -32.55 23.37
C PHE A 64 9.26 -33.29 22.06
N LEU A 65 9.51 -34.59 22.20
CA LEU A 65 9.56 -35.50 21.06
C LEU A 65 8.15 -35.73 20.49
N THR A 66 8.08 -35.80 19.16
CA THR A 66 6.83 -35.93 18.39
C THR A 66 7.07 -36.85 17.19
N PRO A 67 6.01 -37.48 16.65
CA PRO A 67 6.21 -38.41 15.53
C PRO A 67 6.92 -37.76 14.36
N SER A 68 7.92 -38.46 13.84
CA SER A 68 8.62 -38.06 12.63
C SER A 68 7.67 -37.77 11.49
N ASP A 69 6.69 -38.64 11.31
CA ASP A 69 5.82 -38.55 10.14
C ASP A 69 4.73 -37.45 10.12
N LEU A 70 4.64 -36.64 11.18
CA LEU A 70 3.82 -35.43 11.11
C LEU A 70 4.20 -34.58 9.88
N PRO A 71 3.19 -34.19 9.05
CA PRO A 71 3.48 -33.70 7.68
C PRO A 71 3.84 -32.22 7.50
N SER A 72 3.70 -31.41 8.55
CA SER A 72 4.16 -30.03 8.50
C SER A 72 4.62 -29.48 9.85
N GLY A 73 5.27 -28.33 9.80
CA GLY A 73 5.68 -27.59 10.97
C GLY A 73 4.51 -27.22 11.84
N SER A 74 3.41 -26.80 11.22
CA SER A 74 2.24 -26.39 11.97
C SER A 74 1.48 -27.57 12.59
N ASP A 75 1.44 -28.71 11.90
CA ASP A 75 0.93 -29.94 12.54
C ASP A 75 1.77 -30.29 13.77
N ARG A 76 3.09 -30.12 13.69
CA ARG A 76 3.96 -30.40 14.84
C ARG A 76 3.68 -29.47 16.03
N VAL A 77 3.47 -28.18 15.74
CA VAL A 77 3.08 -27.21 16.75
C VAL A 77 1.68 -27.52 17.31
N LEU A 78 0.71 -27.78 16.43
CA LEU A 78 -0.63 -28.17 16.85
C LEU A 78 -0.61 -29.38 17.75
N TYR A 79 0.34 -30.27 17.50
CA TYR A 79 0.45 -31.53 18.20
C TYR A 79 0.99 -31.36 19.63
N VAL A 80 1.75 -30.30 19.88
CA VAL A 80 2.19 -30.04 21.25
C VAL A 80 1.27 -29.03 21.97
N VAL A 81 0.65 -28.15 21.21
CA VAL A 81 -0.21 -27.11 21.77
C VAL A 81 -1.49 -27.67 22.38
N ARG A 82 -2.03 -28.74 21.82
CA ARG A 82 -3.21 -29.41 22.41
C ARG A 82 -3.03 -29.75 23.90
N ASP A 83 -1.81 -30.11 24.29
CA ASP A 83 -1.55 -30.59 25.66
C ASP A 83 -0.95 -29.52 26.56
N LEU A 84 -0.73 -28.34 25.99
CA LEU A 84 -0.13 -27.24 26.70
C LEU A 84 -1.19 -26.26 27.17
N ASP A 85 -1.22 -26.00 28.47
CA ASP A 85 -2.11 -25.00 29.04
C ASP A 85 -1.47 -23.63 28.84
N VAL A 86 -1.89 -22.95 27.77
CA VAL A 86 -1.30 -21.65 27.43
C VAL A 86 -2.37 -20.78 26.76
N ASP A 87 -2.16 -19.46 26.77
CA ASP A 87 -3.11 -18.56 26.11
C ASP A 87 -2.61 -18.01 24.78
N LEU A 88 -1.34 -17.62 24.73
CA LEU A 88 -0.76 -16.98 23.56
C LEU A 88 0.44 -17.75 23.05
N ILE A 89 0.47 -17.97 21.75
CA ILE A 89 1.53 -18.76 21.16
C ILE A 89 2.23 -17.98 20.05
N ILE A 90 3.56 -18.03 20.02
CA ILE A 90 4.28 -17.72 18.78
C ILE A 90 4.78 -19.04 18.17
N ASN A 91 4.53 -19.21 16.89
CA ASN A 91 5.11 -20.30 16.12
C ASN A 91 6.32 -19.76 15.34
N TYR A 92 7.51 -20.27 15.69
CA TYR A 92 8.76 -19.80 15.12
C TYR A 92 9.40 -20.90 14.28
N GLN A 93 9.90 -20.55 13.12
CA GLN A 93 10.58 -21.52 12.26
C GLN A 93 11.90 -22.01 12.88
N GLY A 94 12.09 -23.32 12.90
CA GLY A 94 13.31 -23.94 13.43
C GLY A 94 14.56 -23.67 12.60
N ASP A 95 14.36 -23.10 11.41
CA ASP A 95 15.48 -22.80 10.53
C ASP A 95 15.71 -21.31 10.31
N GLU A 96 15.20 -20.49 11.23
CA GLU A 96 15.40 -19.04 11.24
C GLU A 96 16.30 -18.59 12.42
N PRO A 97 17.62 -18.50 12.17
CA PRO A 97 18.63 -18.18 13.20
C PRO A 97 18.67 -16.71 13.63
N PHE A 98 17.92 -15.85 12.94
CA PHE A 98 17.81 -14.45 13.34
C PHE A 98 16.62 -14.32 14.27
N VAL A 99 16.86 -13.72 15.43
CA VAL A 99 15.82 -13.52 16.44
C VAL A 99 15.96 -12.11 16.98
N TYR A 100 14.84 -11.40 17.06
CA TYR A 100 14.83 -10.02 17.55
C TYR A 100 13.83 -9.89 18.68
N GLU A 101 14.31 -9.63 19.90
CA GLU A 101 13.44 -9.46 21.07
C GLU A 101 12.26 -8.50 20.85
N GLU A 102 12.52 -7.35 20.24
CA GLU A 102 11.46 -6.39 19.99
C GLU A 102 10.31 -6.94 19.12
N ASP A 103 10.64 -7.67 18.05
CA ASP A 103 9.63 -8.29 17.19
C ASP A 103 8.80 -9.30 17.96
N ILE A 104 9.46 -10.13 18.78
CA ILE A 104 8.78 -11.07 19.67
C ILE A 104 7.84 -10.29 20.59
N LYS A 105 8.36 -9.22 21.19
CA LYS A 105 7.58 -8.36 22.07
C LYS A 105 6.42 -7.71 21.32
N LEU A 106 6.71 -7.17 20.13
CA LEU A 106 5.69 -6.54 19.29
C LEU A 106 4.58 -7.54 18.99
N ILE A 107 4.96 -8.75 18.58
CA ILE A 107 3.95 -9.77 18.29
C ILE A 107 3.06 -10.03 19.51
N PHE A 108 3.66 -10.23 20.68
CA PHE A 108 2.85 -10.55 21.87
C PHE A 108 1.96 -9.40 22.31
N ARG A 109 2.47 -8.17 22.32
CA ARG A 109 1.65 -7.00 22.60
C ARG A 109 0.43 -6.91 21.67
N GLU A 110 0.66 -7.07 20.37
CA GLU A 110 -0.42 -7.05 19.39
C GLU A 110 -1.55 -8.04 19.74
N LEU A 111 -1.16 -9.29 20.05
CA LEU A 111 -2.10 -10.29 20.55
C LEU A 111 -2.85 -9.84 21.83
N GLU A 112 -2.15 -9.22 22.77
CA GLU A 112 -2.79 -8.69 23.99
C GLU A 112 -3.77 -7.55 23.70
N LYS A 113 -3.55 -6.80 22.62
CA LYS A 113 -4.49 -5.76 22.22
C LYS A 113 -5.85 -6.33 21.80
N GLY A 114 -5.86 -7.57 21.33
CA GLY A 114 -7.10 -8.23 20.90
C GLY A 114 -7.05 -8.95 19.55
N GLU A 115 -5.88 -8.94 18.91
CA GLU A 115 -5.69 -9.67 17.65
C GLU A 115 -5.68 -11.18 17.90
N ARG A 116 -6.21 -11.95 16.96
CA ARG A 116 -6.22 -13.42 17.03
C ARG A 116 -5.04 -14.03 16.34
N VAL A 117 -4.57 -13.36 15.27
CA VAL A 117 -3.41 -13.79 14.48
C VAL A 117 -2.59 -12.59 14.06
N VAL A 118 -1.29 -12.64 14.34
CA VAL A 118 -0.40 -11.62 13.86
C VAL A 118 0.86 -12.24 13.25
N THR A 119 1.40 -11.56 12.24
CA THR A 119 2.60 -12.05 11.57
C THR A 119 3.44 -10.86 11.12
N LEU A 120 4.52 -11.16 10.39
CA LEU A 120 5.52 -10.16 10.04
C LEU A 120 5.75 -10.09 8.55
N ALA A 121 6.17 -8.92 8.11
CA ALA A 121 6.54 -8.73 6.72
C ALA A 121 7.68 -7.72 6.64
N ARG A 122 8.55 -7.91 5.65
CA ARG A 122 9.55 -6.91 5.39
C ARG A 122 9.55 -6.48 3.93
N LYS A 123 9.89 -5.22 3.72
CA LYS A 123 10.06 -4.66 2.40
C LYS A 123 11.20 -5.46 1.74
N ASP A 124 10.99 -5.97 0.53
CA ASP A 124 12.04 -6.75 -0.13
C ASP A 124 11.77 -7.05 -1.62
N LYS A 125 12.53 -6.38 -2.48
CA LYS A 125 12.40 -6.53 -3.92
C LYS A 125 12.89 -7.87 -4.45
N GLU A 126 13.87 -8.44 -3.76
CA GLU A 126 14.47 -9.70 -4.16
C GLU A 126 13.41 -10.84 -4.21
N ALA A 127 12.56 -10.90 -3.19
CA ALA A 127 11.53 -11.92 -3.09
C ALA A 127 10.44 -11.87 -4.18
N TYR A 128 10.28 -10.71 -4.83
CA TYR A 128 9.09 -10.42 -5.64
C TYR A 128 8.74 -11.53 -6.64
N GLU A 129 9.72 -11.95 -7.43
CA GLU A 129 9.52 -12.93 -8.52
C GLU A 129 10.02 -14.34 -8.19
N ARG A 130 10.29 -14.60 -6.92
CA ARG A 130 10.65 -15.94 -6.44
C ARG A 130 9.43 -16.67 -5.84
N PRO A 131 8.98 -17.77 -6.48
CA PRO A 131 7.79 -18.54 -6.01
C PRO A 131 7.98 -19.13 -4.63
N GLU A 132 9.23 -19.33 -4.22
CA GLU A 132 9.47 -19.86 -2.86
C GLU A 132 9.22 -18.82 -1.76
N ASP A 133 9.30 -17.54 -2.11
CA ASP A 133 9.01 -16.47 -1.13
C ASP A 133 7.53 -16.01 -1.22
N VAL A 134 6.93 -15.75 -0.07
CA VAL A 134 5.52 -15.37 -0.01
C VAL A 134 5.44 -13.86 0.03
N LYS A 135 4.62 -13.30 -0.85
CA LYS A 135 4.36 -11.87 -0.92
C LYS A 135 3.06 -11.61 -0.19
N VAL A 136 2.90 -10.40 0.35
CA VAL A 136 1.66 -10.08 1.03
C VAL A 136 1.21 -8.67 0.71
N VAL A 137 -0.11 -8.49 0.66
CA VAL A 137 -0.70 -7.18 0.44
C VAL A 137 -1.69 -6.83 1.54
N LEU A 138 -1.73 -5.56 1.93
CA LEU A 138 -2.37 -5.16 3.16
C LEU A 138 -3.44 -4.08 2.97
N ASP A 139 -4.45 -4.11 3.83
CA ASP A 139 -5.38 -3.02 3.88
C ASP A 139 -4.75 -1.84 4.68
N ARG A 140 -5.50 -0.76 4.80
CA ARG A 140 -5.00 0.45 5.44
C ARG A 140 -4.66 0.30 6.91
N GLU A 141 -5.23 -0.69 7.58
CA GLU A 141 -4.95 -0.90 9.00
C GLU A 141 -3.90 -1.97 9.22
N GLY A 142 -3.33 -2.49 8.14
CA GLY A 142 -2.28 -3.51 8.26
C GLY A 142 -2.72 -4.95 8.31
N TYR A 143 -3.99 -5.22 7.99
CA TYR A 143 -4.49 -6.60 7.86
C TYR A 143 -4.23 -7.12 6.47
N ALA A 144 -3.87 -8.40 6.37
CA ALA A 144 -3.57 -9.04 5.09
C ALA A 144 -4.81 -9.21 4.23
N LEU A 145 -4.76 -8.69 3.01
CA LEU A 145 -5.78 -8.93 2.01
C LEU A 145 -5.56 -10.31 1.39
N TYR A 146 -4.30 -10.62 1.11
CA TYR A 146 -4.00 -11.86 0.44
C TYR A 146 -2.50 -12.13 0.54
N PHE A 147 -2.13 -13.42 0.46
CA PHE A 147 -0.72 -13.83 0.41
C PHE A 147 -0.62 -14.63 -0.86
N SER A 148 0.54 -14.58 -1.52
CA SER A 148 0.69 -15.30 -2.76
C SER A 148 2.15 -15.57 -3.07
N ARG A 149 2.39 -16.63 -3.83
CA ARG A 149 3.70 -16.87 -4.40
C ARG A 149 3.89 -16.05 -5.67
N SER A 150 2.79 -15.53 -6.24
CA SER A 150 2.88 -14.69 -7.43
C SER A 150 3.36 -13.29 -7.09
N PRO A 151 3.90 -12.57 -8.08
CA PRO A 151 4.43 -11.23 -7.78
C PRO A 151 3.26 -10.25 -7.51
N ILE A 152 2.92 -10.06 -6.24
CA ILE A 152 1.87 -9.08 -5.92
C ILE A 152 2.44 -7.99 -5.01
N PRO A 153 1.97 -6.74 -5.18
CA PRO A 153 1.05 -6.27 -6.22
C PRO A 153 1.72 -6.14 -7.59
N TYR A 154 0.90 -6.00 -8.62
CA TYR A 154 1.40 -5.73 -9.94
C TYR A 154 1.73 -4.26 -9.98
N PHE A 155 2.96 -3.92 -10.40
CA PHE A 155 3.38 -2.53 -10.45
C PHE A 155 3.05 -1.83 -11.77
N ARG A 156 1.83 -1.36 -11.91
CA ARG A 156 1.51 -0.47 -13.03
C ARG A 156 2.12 0.91 -12.75
N LYS A 157 2.18 1.29 -11.47
CA LYS A 157 2.93 2.48 -11.03
C LYS A 157 3.88 1.99 -9.96
N ASN A 158 5.02 2.66 -9.85
CA ASN A 158 6.02 2.29 -8.85
C ASN A 158 5.71 2.67 -7.38
N ASP A 159 6.40 2.02 -6.46
CA ASP A 159 6.22 2.27 -5.04
C ASP A 159 7.49 1.93 -4.27
N THR A 160 7.66 2.55 -3.11
CA THR A 160 8.82 2.31 -2.26
C THR A 160 8.47 1.45 -1.03
N PHE A 161 7.17 1.24 -0.78
CA PHE A 161 6.75 0.41 0.36
C PHE A 161 6.62 -1.07 -0.02
N TYR A 162 5.82 -1.36 -1.05
CA TYR A 162 5.75 -2.68 -1.66
C TYR A 162 6.90 -2.91 -2.65
N PRO A 163 7.25 -4.17 -2.94
CA PRO A 163 6.61 -5.41 -2.45
C PRO A 163 7.12 -5.86 -1.08
N LEU A 164 6.30 -6.62 -0.37
CA LEU A 164 6.60 -7.15 0.95
C LEU A 164 6.81 -8.65 0.87
N LYS A 165 7.74 -9.13 1.67
CA LYS A 165 7.98 -10.54 1.84
C LYS A 165 7.44 -10.90 3.20
N HIS A 166 6.54 -11.87 3.23
CA HIS A 166 6.00 -12.41 4.46
C HIS A 166 7.09 -13.19 5.19
N VAL A 167 7.24 -12.93 6.46
CA VAL A 167 8.15 -13.71 7.29
C VAL A 167 7.28 -14.64 8.12
N GLY A 168 7.43 -15.94 7.88
CA GLY A 168 6.58 -17.00 8.45
C GLY A 168 6.64 -17.21 9.96
N ILE A 169 6.61 -16.13 10.71
CA ILE A 169 6.52 -16.18 12.17
C ILE A 169 5.15 -15.65 12.54
N TYR A 170 4.42 -16.39 13.36
CA TYR A 170 3.03 -16.08 13.63
C TYR A 170 2.75 -16.06 15.10
N GLY A 171 1.95 -15.09 15.56
CA GLY A 171 1.41 -15.13 16.91
C GLY A 171 -0.05 -15.54 16.85
N PHE A 172 -0.48 -16.43 17.74
CA PHE A 172 -1.88 -16.86 17.84
C PHE A 172 -2.41 -16.76 19.25
N ARG A 173 -3.71 -16.46 19.36
CA ARG A 173 -4.46 -16.86 20.55
C ARG A 173 -4.68 -18.37 20.40
N LYS A 174 -4.51 -19.11 21.49
CA LYS A 174 -4.53 -20.57 21.43
C LYS A 174 -5.79 -21.11 20.75
N GLU A 175 -6.96 -20.64 21.18
CA GLU A 175 -8.21 -21.16 20.61
C GLU A 175 -8.32 -20.93 19.10
N THR A 176 -7.76 -19.82 18.59
CA THR A 176 -7.75 -19.57 17.15
C THR A 176 -6.84 -20.57 16.45
N LEU A 177 -5.70 -20.88 17.05
CA LEU A 177 -4.80 -21.88 16.52
C LEU A 177 -5.45 -23.27 16.49
N MET A 178 -6.23 -23.63 17.52
CA MET A 178 -6.97 -24.91 17.54
C MET A 178 -8.09 -24.95 16.50
N GLU A 179 -8.79 -23.82 16.39
CA GLU A 179 -9.81 -23.59 15.37
C GLU A 179 -9.25 -23.84 13.96
N PHE A 180 -8.05 -23.32 13.71
CA PHE A 180 -7.35 -23.50 12.44
C PHE A 180 -7.08 -24.98 12.18
N GLY A 181 -6.56 -25.66 13.22
CA GLY A 181 -6.29 -27.09 13.15
C GLY A 181 -7.52 -27.94 12.83
N ALA A 182 -8.70 -27.45 13.21
CA ALA A 182 -9.98 -28.16 12.98
C ALA A 182 -10.64 -27.87 11.63
N MET A 183 -10.31 -26.74 11.00
CA MET A 183 -10.85 -26.39 9.69
C MET A 183 -10.24 -27.28 8.59
N PRO A 184 -11.07 -27.79 7.66
CA PRO A 184 -10.50 -28.53 6.51
C PRO A 184 -9.60 -27.61 5.69
N PRO A 185 -8.57 -28.19 5.02
CA PRO A 185 -7.74 -27.36 4.14
C PRO A 185 -8.66 -26.60 3.16
N SER A 186 -8.37 -25.34 2.87
CA SER A 186 -9.26 -24.58 1.99
C SER A 186 -8.76 -24.51 0.53
N LYS A 187 -9.56 -23.96 -0.36
CA LYS A 187 -9.26 -24.04 -1.79
C LYS A 187 -7.96 -23.30 -2.20
N LEU A 188 -7.83 -22.02 -1.90
CA LEU A 188 -6.62 -21.28 -2.29
C LEU A 188 -5.38 -21.70 -1.51
N GLU A 189 -5.59 -22.08 -0.25
CA GLU A 189 -4.55 -22.70 0.53
C GLU A 189 -3.90 -23.87 -0.26
N GLN A 190 -4.71 -24.76 -0.81
CA GLN A 190 -4.14 -25.92 -1.48
C GLN A 190 -3.56 -25.61 -2.87
N ILE A 191 -4.16 -24.63 -3.54
CA ILE A 191 -3.65 -24.13 -4.82
C ILE A 191 -2.24 -23.53 -4.68
N GLU A 192 -2.09 -22.61 -3.74
CA GLU A 192 -0.86 -21.87 -3.51
C GLU A 192 0.16 -22.65 -2.70
N GLY A 193 -0.32 -23.64 -1.96
CA GLY A 193 0.47 -24.31 -0.90
C GLY A 193 0.79 -23.34 0.21
N LEU A 194 -0.23 -22.67 0.72
CA LEU A 194 -0.06 -21.65 1.79
C LEU A 194 -1.11 -21.81 2.88
N GLU A 195 -0.69 -22.40 4.00
CA GLU A 195 -1.60 -22.68 5.11
C GLU A 195 -2.28 -21.42 5.63
N GLN A 196 -1.59 -20.28 5.57
CA GLN A 196 -2.14 -19.06 6.13
C GLN A 196 -3.42 -18.62 5.41
N LEU A 197 -3.61 -19.06 4.16
CA LEU A 197 -4.82 -18.75 3.38
C LEU A 197 -6.08 -19.38 3.96
N ARG A 198 -5.92 -20.44 4.75
CA ARG A 198 -7.07 -21.04 5.42
C ARG A 198 -7.72 -20.03 6.35
N LEU A 199 -6.89 -19.26 7.05
CA LEU A 199 -7.37 -18.19 7.93
C LEU A 199 -8.15 -17.16 7.14
N LEU A 200 -7.53 -16.61 6.09
CA LEU A 200 -8.18 -15.59 5.27
C LEU A 200 -9.46 -16.11 4.62
N GLU A 201 -9.40 -17.28 4.01
CA GLU A 201 -10.55 -17.85 3.32
C GLU A 201 -11.74 -18.08 4.26
N ASN A 202 -11.45 -18.29 5.53
CA ASN A 202 -12.47 -18.47 6.58
C ASN A 202 -12.77 -17.18 7.35
N GLY A 203 -12.36 -16.03 6.80
CA GLY A 203 -12.71 -14.74 7.39
C GLY A 203 -12.02 -14.40 8.70
N ILE A 204 -10.84 -14.99 8.94
CA ILE A 204 -10.04 -14.62 10.13
C ILE A 204 -8.98 -13.59 9.74
N LYS A 205 -9.00 -12.44 10.42
CA LYS A 205 -8.08 -11.36 10.12
C LYS A 205 -6.69 -11.70 10.62
N ILE A 206 -5.70 -11.36 9.81
CA ILE A 206 -4.32 -11.50 10.20
C ILE A 206 -3.69 -10.13 10.21
N LYS A 207 -3.26 -9.69 11.41
CA LYS A 207 -2.54 -8.42 11.53
C LYS A 207 -1.11 -8.64 11.06
N VAL A 208 -0.62 -7.80 10.15
CA VAL A 208 0.74 -7.91 9.65
C VAL A 208 1.55 -6.72 10.14
N LEU A 209 2.68 -6.99 10.80
CA LEU A 209 3.55 -5.95 11.30
C LEU A 209 4.76 -5.84 10.39
N ILE A 210 5.10 -4.59 10.05
CA ILE A 210 6.23 -4.33 9.20
C ILE A 210 7.47 -4.23 10.08
N THR A 211 8.48 -5.03 9.75
CA THR A 211 9.75 -5.03 10.49
C THR A 211 10.91 -4.69 9.55
N GLU A 212 11.93 -4.00 10.05
CA GLU A 212 13.14 -3.75 9.25
C GLU A 212 14.23 -4.79 9.49
N ASN A 213 14.08 -5.58 10.55
CA ASN A 213 15.08 -6.57 10.90
C ASN A 213 15.23 -7.63 9.81
N TYR A 214 16.45 -8.12 9.66
CA TYR A 214 16.73 -9.10 8.62
C TYR A 214 16.32 -10.52 9.03
N TYR A 215 15.56 -11.19 8.18
CA TYR A 215 15.23 -12.61 8.35
C TYR A 215 15.51 -13.29 7.02
N HIS A 216 15.73 -14.60 7.08
CA HIS A 216 16.13 -15.41 5.93
C HIS A 216 16.35 -16.83 6.42
N GLY A 217 15.44 -17.72 6.06
CA GLY A 217 15.49 -19.12 6.54
C GLY A 217 16.63 -19.90 5.92
N VAL A 218 17.01 -21.01 6.55
CA VAL A 218 18.05 -21.86 6.01
C VAL A 218 17.37 -23.11 5.40
N ASP A 219 17.25 -23.14 4.08
CA ASP A 219 16.68 -24.31 3.38
C ASP A 219 17.69 -25.08 2.54
N THR A 220 18.61 -24.36 1.91
CA THR A 220 19.61 -24.97 1.02
C THR A 220 21.02 -24.69 1.51
N GLU A 221 21.99 -25.42 0.95
CA GLU A 221 23.41 -25.18 1.19
C GLU A 221 23.83 -23.73 0.82
N GLU A 222 23.14 -23.12 -0.13
CA GLU A 222 23.39 -21.74 -0.50
C GLU A 222 22.89 -20.78 0.57
N ASP A 223 21.70 -21.04 1.12
CA ASP A 223 21.19 -20.28 2.25
C ASP A 223 22.17 -20.36 3.45
N LEU A 224 22.66 -21.56 3.75
CA LEU A 224 23.62 -21.73 4.86
C LEU A 224 24.88 -20.87 4.67
N LYS A 225 25.42 -20.85 3.44
CA LYS A 225 26.59 -20.03 3.09
C LYS A 225 26.29 -18.55 3.24
N ILE A 226 25.12 -18.13 2.76
CA ILE A 226 24.65 -16.75 2.82
C ILE A 226 24.41 -16.27 4.25
N VAL A 227 23.63 -17.05 5.00
CA VAL A 227 23.28 -16.74 6.39
C VAL A 227 24.53 -16.80 7.30
N GLU A 228 25.50 -17.66 6.96
CA GLU A 228 26.81 -17.68 7.63
C GLU A 228 27.51 -16.33 7.60
N GLU A 229 27.63 -15.77 6.40
CA GLU A 229 28.23 -14.44 6.17
C GLU A 229 27.51 -13.32 6.95
N LYS A 230 26.17 -13.34 6.94
CA LYS A 230 25.35 -12.36 7.67
C LYS A 230 25.61 -12.34 9.19
N LEU A 231 25.81 -13.51 9.78
CA LEU A 231 26.01 -13.60 11.24
C LEU A 231 27.42 -13.15 11.67
N LYS A 232 27.83 -11.96 11.23
CA LYS A 232 29.12 -11.36 11.59
C LYS A 232 28.94 -9.87 11.91
N ARG B 2 -35.88 3.66 -5.94
CA ARG B 2 -36.00 2.38 -6.66
C ARG B 2 -34.55 1.86 -6.93
N ARG B 3 -34.28 1.51 -8.18
CA ARG B 3 -32.99 1.03 -8.65
C ARG B 3 -32.76 1.66 -10.02
N ALA B 4 -31.50 1.81 -10.42
CA ALA B 4 -31.21 2.20 -11.80
C ALA B 4 -29.91 1.57 -12.28
N VAL B 5 -29.80 1.43 -13.59
CA VAL B 5 -28.56 1.03 -14.22
C VAL B 5 -27.98 2.24 -14.94
N ILE B 6 -26.76 2.61 -14.59
CA ILE B 6 -26.12 3.80 -15.11
C ILE B 6 -24.89 3.42 -15.92
N ILE B 7 -24.83 3.97 -17.15
CA ILE B 7 -23.79 3.63 -18.10
C ILE B 7 -22.89 4.84 -18.37
N PRO B 8 -21.69 4.86 -17.80
CA PRO B 8 -20.76 5.95 -18.12
C PRO B 8 -20.11 5.72 -19.50
N ALA B 9 -20.19 6.71 -20.37
CA ALA B 9 -19.61 6.57 -21.71
C ALA B 9 -19.14 7.90 -22.22
N ARG B 10 -17.91 8.24 -21.90
CA ARG B 10 -17.32 9.47 -22.40
C ARG B 10 -16.78 9.27 -23.83
N LEU B 11 -16.75 10.35 -24.61
CA LEU B 11 -16.34 10.28 -25.99
C LEU B 11 -14.85 10.07 -26.14
N GLY B 12 -14.08 10.64 -25.21
CA GLY B 12 -12.62 10.69 -25.33
C GLY B 12 -11.77 9.48 -24.96
N SER B 13 -12.17 8.29 -25.38
CA SER B 13 -11.31 7.11 -25.25
C SER B 13 -9.99 7.29 -26.01
N THR B 14 -8.90 6.70 -25.53
CA THR B 14 -7.59 6.89 -26.18
C THR B 14 -7.07 5.66 -26.92
N ARG B 15 -7.39 4.46 -26.43
CA ARG B 15 -6.81 3.24 -26.98
C ARG B 15 -7.56 2.81 -28.23
N LEU B 16 -8.77 3.37 -28.36
CA LEU B 16 -9.63 3.20 -29.49
C LEU B 16 -10.39 4.53 -29.59
N LYS B 17 -10.52 5.05 -30.80
CA LYS B 17 -11.09 6.38 -31.03
C LYS B 17 -12.61 6.42 -30.85
N GLU B 18 -13.08 7.38 -30.06
CA GLU B 18 -14.52 7.68 -29.93
C GLU B 18 -15.33 6.39 -29.82
N LYS B 19 -14.95 5.51 -28.88
CA LYS B 19 -15.45 4.13 -28.93
C LYS B 19 -16.96 3.91 -28.75
N PRO B 20 -17.68 4.79 -28.01
CA PRO B 20 -19.13 4.57 -27.92
C PRO B 20 -19.82 4.62 -29.27
N LEU B 21 -19.22 5.35 -30.20
CA LEU B 21 -19.77 5.53 -31.54
C LEU B 21 -19.22 4.49 -32.53
N LYS B 22 -18.22 3.74 -32.11
CA LYS B 22 -17.60 2.76 -32.99
C LYS B 22 -18.61 1.72 -33.47
N ASN B 23 -18.57 1.49 -34.79
CA ASN B 23 -19.45 0.57 -35.48
C ASN B 23 -19.19 -0.89 -35.09
N LEU B 24 -20.22 -1.56 -34.58
CA LEU B 24 -20.17 -2.97 -34.23
C LEU B 24 -21.27 -3.72 -34.96
N LEU B 25 -20.91 -4.38 -36.05
CA LEU B 25 -21.89 -5.02 -36.92
C LEU B 25 -23.05 -4.06 -37.27
N GLY B 26 -22.70 -2.86 -37.73
CA GLY B 26 -23.69 -1.87 -38.18
C GLY B 26 -24.40 -1.01 -37.14
N LYS B 27 -24.12 -1.24 -35.87
CA LYS B 27 -24.76 -0.50 -34.80
C LYS B 27 -23.61 0.14 -34.00
N PRO B 28 -23.76 1.40 -33.55
CA PRO B 28 -22.71 1.91 -32.64
C PRO B 28 -22.62 1.08 -31.35
N LEU B 29 -21.41 0.96 -30.81
CA LEU B 29 -21.12 0.15 -29.63
C LEU B 29 -22.03 0.47 -28.44
N ILE B 30 -22.15 1.76 -28.12
CA ILE B 30 -23.02 2.19 -27.03
C ILE B 30 -24.48 1.75 -27.23
N ARG B 31 -24.93 1.65 -28.47
CA ARG B 31 -26.31 1.27 -28.72
C ARG B 31 -26.60 -0.21 -28.41
N TRP B 32 -25.60 -1.07 -28.60
CA TRP B 32 -25.64 -2.43 -28.14
C TRP B 32 -25.83 -2.51 -26.62
N VAL B 33 -25.05 -1.73 -25.88
CA VAL B 33 -25.10 -1.76 -24.43
C VAL B 33 -26.51 -1.33 -23.98
N VAL B 34 -26.99 -0.19 -24.51
CA VAL B 34 -28.28 0.39 -24.12
C VAL B 34 -29.44 -0.52 -24.49
N GLU B 35 -29.44 -1.06 -25.71
CA GLU B 35 -30.49 -1.99 -26.14
C GLU B 35 -30.56 -3.20 -25.23
N GLY B 36 -29.39 -3.76 -24.89
CA GLY B 36 -29.28 -4.86 -23.97
C GLY B 36 -29.92 -4.54 -22.62
N LEU B 37 -29.57 -3.37 -22.08
CA LEU B 37 -30.03 -3.02 -20.74
C LEU B 37 -31.51 -2.67 -20.68
N VAL B 38 -32.04 -2.10 -21.76
CA VAL B 38 -33.44 -1.68 -21.78
C VAL B 38 -34.39 -2.88 -21.65
N LYS B 39 -34.06 -4.01 -22.27
CA LYS B 39 -34.87 -5.22 -22.09
C LYS B 39 -34.80 -5.89 -20.71
N THR B 40 -34.03 -5.32 -19.77
CA THR B 40 -34.07 -5.80 -18.39
C THR B 40 -35.33 -5.29 -17.68
N GLY B 41 -35.97 -4.27 -18.26
CA GLY B 41 -37.09 -3.58 -17.62
C GLY B 41 -36.65 -2.55 -16.58
N GLU B 42 -35.35 -2.45 -16.33
CA GLU B 42 -34.84 -1.51 -15.33
C GLU B 42 -34.80 -0.09 -15.89
N ARG B 43 -34.73 0.91 -15.02
CA ARG B 43 -34.44 2.26 -15.46
C ARG B 43 -32.96 2.36 -15.91
N VAL B 44 -32.75 2.70 -17.17
CA VAL B 44 -31.42 2.79 -17.75
C VAL B 44 -31.04 4.25 -17.99
N ILE B 45 -29.89 4.66 -17.49
CA ILE B 45 -29.40 6.03 -17.66
C ILE B 45 -28.01 6.02 -18.28
N LEU B 46 -27.85 6.73 -19.39
CA LEU B 46 -26.55 6.98 -19.98
C LEU B 46 -25.99 8.28 -19.41
N ALA B 47 -24.79 8.19 -18.85
CA ALA B 47 -24.05 9.33 -18.37
C ALA B 47 -22.93 9.62 -19.37
N THR B 48 -22.98 10.78 -20.01
CA THR B 48 -22.02 11.10 -21.08
C THR B 48 -21.66 12.59 -21.11
N ASP B 49 -20.59 12.93 -21.79
CA ASP B 49 -20.18 14.33 -22.00
C ASP B 49 -20.39 14.79 -23.44
N SER B 50 -21.06 13.95 -24.24
CA SER B 50 -21.05 14.08 -25.71
C SER B 50 -22.45 14.12 -26.31
N GLU B 51 -22.71 15.18 -27.05
CA GLU B 51 -23.98 15.34 -27.76
C GLU B 51 -24.17 14.23 -28.82
N ARG B 52 -23.07 13.83 -29.46
CA ARG B 52 -23.12 12.79 -30.50
C ARG B 52 -23.44 11.45 -29.86
N VAL B 53 -22.90 11.19 -28.67
CA VAL B 53 -23.18 9.96 -27.95
C VAL B 53 -24.66 9.96 -27.53
N LYS B 54 -25.12 11.08 -26.98
CA LYS B 54 -26.51 11.28 -26.63
C LYS B 54 -27.46 10.95 -27.77
N GLU B 55 -27.13 11.42 -28.97
CA GLU B 55 -28.04 11.32 -30.11
C GLU B 55 -28.31 9.88 -30.52
N VAL B 56 -27.31 9.03 -30.32
CA VAL B 56 -27.35 7.61 -30.72
C VAL B 56 -28.25 6.74 -29.83
N VAL B 57 -28.61 7.20 -28.64
CA VAL B 57 -29.40 6.38 -27.71
C VAL B 57 -30.55 7.10 -27.03
N GLU B 58 -30.70 8.38 -27.37
CA GLU B 58 -31.69 9.27 -26.78
C GLU B 58 -33.13 8.74 -26.93
N ASP B 59 -33.38 8.01 -28.00
CA ASP B 59 -34.70 7.42 -28.24
C ASP B 59 -35.02 6.24 -27.31
N LEU B 60 -33.99 5.67 -26.66
CA LEU B 60 -34.14 4.44 -25.88
C LEU B 60 -34.16 4.61 -24.36
N CYS B 61 -33.44 5.61 -23.84
CA CYS B 61 -33.23 5.74 -22.40
C CYS B 61 -32.91 7.19 -22.06
N GLU B 62 -32.92 7.52 -20.77
CA GLU B 62 -32.50 8.83 -20.27
C GLU B 62 -31.00 9.09 -20.50
N VAL B 63 -30.66 10.31 -20.89
CA VAL B 63 -29.26 10.70 -20.99
C VAL B 63 -28.98 11.91 -20.10
N PHE B 64 -27.95 11.78 -19.24
CA PHE B 64 -27.49 12.84 -18.36
C PHE B 64 -26.13 13.34 -18.81
N LEU B 65 -26.04 14.66 -18.98
CA LEU B 65 -24.78 15.31 -19.32
C LEU B 65 -23.86 15.36 -18.12
N THR B 66 -22.57 15.15 -18.37
CA THR B 66 -21.57 15.18 -17.31
C THR B 66 -20.32 15.91 -17.84
N PRO B 67 -19.51 16.49 -16.94
CA PRO B 67 -18.27 17.15 -17.32
C PRO B 67 -17.31 16.16 -17.94
N SER B 68 -16.66 16.57 -19.01
CA SER B 68 -15.72 15.72 -19.72
C SER B 68 -14.46 15.41 -18.90
N ASP B 69 -14.12 16.25 -17.91
CA ASP B 69 -12.91 16.08 -17.10
C ASP B 69 -13.08 15.24 -15.84
N LEU B 70 -14.19 14.51 -15.71
CA LEU B 70 -14.34 13.51 -14.66
C LEU B 70 -13.34 12.39 -14.92
N PRO B 71 -12.62 11.94 -13.87
CA PRO B 71 -11.42 11.10 -14.10
C PRO B 71 -11.62 9.58 -14.17
N SER B 72 -12.85 9.10 -14.02
CA SER B 72 -13.12 7.68 -14.27
C SER B 72 -14.60 7.50 -14.46
N GLY B 73 -14.98 6.31 -14.90
CA GLY B 73 -16.37 5.96 -15.15
C GLY B 73 -17.20 5.95 -13.89
N SER B 74 -16.63 5.42 -12.80
CA SER B 74 -17.34 5.38 -11.53
CA SER B 74 -17.30 5.37 -11.51
C SER B 74 -17.63 6.79 -11.04
N ASP B 75 -16.67 7.69 -11.24
CA ASP B 75 -16.86 9.10 -10.89
C ASP B 75 -17.94 9.77 -11.75
N ARG B 76 -18.07 9.35 -13.01
CA ARG B 76 -19.14 9.85 -13.87
C ARG B 76 -20.49 9.31 -13.38
N VAL B 77 -20.50 8.06 -12.93
CA VAL B 77 -21.73 7.46 -12.37
C VAL B 77 -22.14 8.20 -11.09
N LEU B 78 -21.18 8.38 -10.17
CA LEU B 78 -21.41 9.16 -8.95
C LEU B 78 -21.94 10.57 -9.24
N TYR B 79 -21.35 11.25 -10.22
CA TYR B 79 -21.79 12.61 -10.59
C TYR B 79 -23.31 12.63 -10.81
N VAL B 80 -23.87 11.61 -11.48
CA VAL B 80 -25.33 11.63 -11.65
C VAL B 80 -26.08 11.00 -10.49
N VAL B 81 -25.51 9.97 -9.88
CA VAL B 81 -26.16 9.30 -8.75
C VAL B 81 -26.32 10.24 -7.55
N ARG B 82 -25.36 11.14 -7.34
CA ARG B 82 -25.35 11.91 -6.08
C ARG B 82 -26.59 12.76 -5.83
N ASP B 83 -27.29 13.20 -6.87
CA ASP B 83 -28.59 13.81 -6.64
C ASP B 83 -29.73 13.16 -7.44
N LEU B 84 -29.62 11.84 -7.60
CA LEU B 84 -30.68 11.01 -8.14
C LEU B 84 -31.32 10.28 -6.97
N ASP B 85 -32.64 10.18 -6.99
CA ASP B 85 -33.39 9.56 -5.91
C ASP B 85 -33.54 8.05 -6.11
N VAL B 86 -32.44 7.34 -5.89
CA VAL B 86 -32.40 5.88 -6.01
C VAL B 86 -31.67 5.29 -4.81
N ASP B 87 -31.94 4.04 -4.50
CA ASP B 87 -31.28 3.39 -3.38
C ASP B 87 -30.13 2.48 -3.85
N LEU B 88 -30.32 1.82 -4.99
CA LEU B 88 -29.39 0.82 -5.49
C LEU B 88 -29.09 1.17 -6.92
N ILE B 89 -27.84 1.01 -7.32
CA ILE B 89 -27.48 1.28 -8.70
C ILE B 89 -26.53 0.20 -9.24
N ILE B 90 -26.58 0.01 -10.55
CA ILE B 90 -25.56 -0.79 -11.21
C ILE B 90 -24.76 0.13 -12.15
N ASN B 91 -23.43 0.07 -12.00
CA ASN B 91 -22.51 0.76 -12.86
C ASN B 91 -22.15 -0.24 -13.95
N TYR B 92 -22.70 -0.04 -15.15
CA TYR B 92 -22.50 -0.92 -16.31
C TYR B 92 -21.60 -0.24 -17.33
N GLN B 93 -20.48 -0.86 -17.70
CA GLN B 93 -19.51 -0.20 -18.58
C GLN B 93 -20.06 0.06 -19.98
N GLY B 94 -19.77 1.24 -20.48
CA GLY B 94 -20.26 1.65 -21.80
C GLY B 94 -19.65 0.87 -22.95
N ASP B 95 -18.62 0.07 -22.65
CA ASP B 95 -17.89 -0.65 -23.69
C ASP B 95 -18.04 -2.15 -23.50
N GLU B 96 -19.12 -2.54 -22.83
CA GLU B 96 -19.45 -3.94 -22.58
C GLU B 96 -20.76 -4.29 -23.29
N PRO B 97 -20.67 -4.76 -24.54
CA PRO B 97 -21.83 -4.95 -25.41
C PRO B 97 -22.68 -6.18 -25.08
N PHE B 98 -22.23 -7.04 -24.18
CA PHE B 98 -23.01 -8.21 -23.75
C PHE B 98 -23.76 -7.89 -22.48
N VAL B 99 -25.05 -8.26 -22.46
CA VAL B 99 -25.96 -8.00 -21.34
C VAL B 99 -26.82 -9.25 -21.11
N TYR B 100 -26.97 -9.66 -19.85
CA TYR B 100 -27.75 -10.86 -19.53
C TYR B 100 -28.67 -10.44 -18.41
N GLU B 101 -29.96 -10.45 -18.71
CA GLU B 101 -30.98 -9.96 -17.78
C GLU B 101 -30.88 -10.63 -16.41
N GLU B 102 -30.66 -11.94 -16.40
CA GLU B 102 -30.67 -12.63 -15.11
C GLU B 102 -29.48 -12.19 -14.25
N ASP B 103 -28.37 -11.82 -14.89
CA ASP B 103 -27.21 -11.29 -14.17
C ASP B 103 -27.48 -9.94 -13.51
N ILE B 104 -28.21 -9.09 -14.20
CA ILE B 104 -28.68 -7.83 -13.64
C ILE B 104 -29.58 -8.08 -12.42
N LYS B 105 -30.55 -8.99 -12.55
CA LYS B 105 -31.40 -9.34 -11.43
C LYS B 105 -30.63 -9.94 -10.25
N LEU B 106 -29.66 -10.81 -10.53
CA LEU B 106 -28.85 -11.42 -9.48
C LEU B 106 -28.09 -10.37 -8.67
N ILE B 107 -27.53 -9.39 -9.38
CA ILE B 107 -26.83 -8.29 -8.73
C ILE B 107 -27.76 -7.52 -7.80
N PHE B 108 -28.94 -7.12 -8.30
CA PHE B 108 -29.90 -6.38 -7.48
C PHE B 108 -30.39 -7.19 -6.29
N ARG B 109 -30.66 -8.49 -6.48
CA ARG B 109 -31.05 -9.35 -5.36
C ARG B 109 -29.96 -9.41 -4.29
N GLU B 110 -28.71 -9.43 -4.72
CA GLU B 110 -27.60 -9.50 -3.81
C GLU B 110 -27.52 -8.22 -2.96
N LEU B 111 -27.78 -7.08 -3.59
CA LEU B 111 -27.82 -5.79 -2.89
C LEU B 111 -28.98 -5.77 -1.92
N GLU B 112 -30.14 -6.31 -2.34
CA GLU B 112 -31.30 -6.39 -1.45
C GLU B 112 -31.10 -7.25 -0.21
N LYS B 113 -30.21 -8.24 -0.29
CA LYS B 113 -29.82 -9.02 0.89
C LYS B 113 -29.08 -8.15 1.92
N GLY B 114 -28.59 -6.99 1.48
CA GLY B 114 -27.81 -6.13 2.37
C GLY B 114 -26.37 -5.90 1.95
N GLU B 115 -25.92 -6.55 0.88
CA GLU B 115 -24.58 -6.26 0.36
C GLU B 115 -24.48 -4.79 -0.06
N ARG B 116 -23.30 -4.22 0.11
CA ARG B 116 -23.03 -2.83 -0.27
C ARG B 116 -22.39 -2.66 -1.65
N VAL B 117 -21.59 -3.66 -2.03
CA VAL B 117 -20.90 -3.70 -3.33
C VAL B 117 -20.92 -5.14 -3.83
N VAL B 118 -21.32 -5.30 -5.09
CA VAL B 118 -21.42 -6.62 -5.71
C VAL B 118 -20.82 -6.54 -7.08
N THR B 119 -20.11 -7.57 -7.50
CA THR B 119 -19.57 -7.59 -8.83
C THR B 119 -19.58 -9.01 -9.35
N LEU B 120 -19.07 -9.22 -10.57
CA LEU B 120 -19.09 -10.51 -11.26
C LEU B 120 -17.66 -10.97 -11.62
N ALA B 121 -17.45 -12.27 -11.74
CA ALA B 121 -16.23 -12.87 -12.24
C ALA B 121 -16.61 -14.12 -13.05
N ARG B 122 -15.78 -14.47 -14.02
CA ARG B 122 -15.99 -15.70 -14.78
C ARG B 122 -14.70 -16.51 -14.85
N LYS B 123 -14.84 -17.82 -14.85
CA LYS B 123 -13.69 -18.68 -15.11
C LYS B 123 -13.14 -18.37 -16.49
N ASP B 124 -11.85 -18.07 -16.55
CA ASP B 124 -11.19 -17.68 -17.79
C ASP B 124 -9.68 -17.96 -17.69
N LYS B 125 -9.21 -18.97 -18.40
CA LYS B 125 -7.82 -19.37 -18.36
C LYS B 125 -6.95 -18.41 -19.16
N GLU B 126 -7.52 -17.78 -20.19
CA GLU B 126 -6.74 -16.95 -21.09
C GLU B 126 -6.36 -15.60 -20.45
N ALA B 127 -7.15 -15.15 -19.49
CA ALA B 127 -6.92 -13.84 -18.85
C ALA B 127 -5.75 -13.84 -17.85
N TYR B 128 -5.33 -15.04 -17.43
CA TYR B 128 -4.40 -15.26 -16.30
C TYR B 128 -3.09 -14.49 -16.43
N GLU B 129 -2.45 -14.60 -17.59
CA GLU B 129 -1.18 -13.93 -17.78
C GLU B 129 -1.25 -12.58 -18.50
N ARG B 130 -2.46 -12.09 -18.76
CA ARG B 130 -2.61 -10.78 -19.39
C ARG B 130 -2.84 -9.71 -18.33
N PRO B 131 -1.86 -8.78 -18.16
CA PRO B 131 -1.99 -7.65 -17.22
C PRO B 131 -3.21 -6.76 -17.45
N GLU B 132 -3.69 -6.65 -18.69
CA GLU B 132 -4.88 -5.86 -19.01
C GLU B 132 -6.15 -6.48 -18.44
N ASP B 133 -6.11 -7.78 -18.12
CA ASP B 133 -7.21 -8.45 -17.47
C ASP B 133 -7.00 -8.60 -15.95
N VAL B 134 -8.09 -8.46 -15.23
CA VAL B 134 -8.07 -8.42 -13.77
C VAL B 134 -8.48 -9.75 -13.19
N LYS B 135 -7.60 -10.31 -12.39
CA LYS B 135 -7.87 -11.56 -11.73
C LYS B 135 -8.40 -11.27 -10.35
N VAL B 136 -9.17 -12.21 -9.81
CA VAL B 136 -9.70 -12.05 -8.47
C VAL B 136 -9.63 -13.38 -7.74
N VAL B 137 -9.41 -13.30 -6.43
CA VAL B 137 -9.43 -14.47 -5.56
C VAL B 137 -10.39 -14.18 -4.43
N LEU B 138 -11.14 -15.21 -4.04
CA LEU B 138 -12.29 -15.09 -3.12
C LEU B 138 -12.16 -15.86 -1.83
N ASP B 139 -12.80 -15.38 -0.78
CA ASP B 139 -12.91 -16.19 0.42
C ASP B 139 -14.03 -17.23 0.26
N ARG B 140 -14.32 -17.99 1.32
CA ARG B 140 -15.27 -19.09 1.19
C ARG B 140 -16.69 -18.64 0.98
N GLU B 141 -17.01 -17.39 1.33
CA GLU B 141 -18.38 -16.88 1.14
C GLU B 141 -18.53 -16.14 -0.18
N GLY B 142 -17.48 -16.09 -0.99
CA GLY B 142 -17.53 -15.34 -2.24
C GLY B 142 -17.12 -13.88 -2.16
N TYR B 143 -16.60 -13.43 -1.01
CA TYR B 143 -16.09 -12.04 -0.92
C TYR B 143 -14.71 -11.95 -1.56
N ALA B 144 -14.41 -10.85 -2.27
CA ALA B 144 -13.05 -10.65 -2.82
C ALA B 144 -12.01 -10.48 -1.70
N LEU B 145 -10.96 -11.26 -1.77
CA LEU B 145 -9.78 -11.09 -0.96
C LEU B 145 -8.87 -10.04 -1.59
N TYR B 146 -8.68 -10.15 -2.91
CA TYR B 146 -7.77 -9.26 -3.64
C TYR B 146 -8.06 -9.32 -5.14
N PHE B 147 -7.85 -8.20 -5.82
CA PHE B 147 -7.88 -8.15 -7.27
C PHE B 147 -6.48 -7.81 -7.71
N SER B 148 -6.07 -8.28 -8.87
CA SER B 148 -4.72 -7.96 -9.32
C SER B 148 -4.56 -8.18 -10.78
N ARG B 149 -3.63 -7.44 -11.36
CA ARG B 149 -3.26 -7.66 -12.74
C ARG B 149 -2.30 -8.83 -12.85
N SER B 150 -1.66 -9.20 -11.74
CA SER B 150 -0.70 -10.31 -11.71
C SER B 150 -1.46 -11.64 -11.80
N PRO B 151 -0.78 -12.71 -12.24
CA PRO B 151 -1.46 -14.03 -12.31
C PRO B 151 -1.75 -14.63 -10.93
N ILE B 152 -2.97 -14.45 -10.44
CA ILE B 152 -3.34 -15.01 -9.14
C ILE B 152 -4.56 -15.95 -9.28
N PRO B 153 -4.65 -17.01 -8.47
CA PRO B 153 -3.64 -17.49 -7.52
C PRO B 153 -2.44 -18.12 -8.26
N TYR B 154 -1.32 -18.23 -7.59
CA TYR B 154 -0.18 -19.00 -8.11
C TYR B 154 -0.57 -20.47 -8.06
N PHE B 155 -0.40 -21.15 -9.19
CA PHE B 155 -0.79 -22.55 -9.30
C PHE B 155 0.30 -23.52 -8.88
N ARG B 156 0.59 -23.61 -7.56
CA ARG B 156 1.51 -24.65 -7.13
C ARG B 156 0.85 -25.99 -7.49
N LYS B 157 -0.45 -26.08 -7.31
CA LYS B 157 -1.19 -27.07 -8.09
C LYS B 157 -2.29 -26.37 -8.88
N ASN B 158 -2.70 -27.00 -9.98
CA ASN B 158 -3.78 -26.48 -10.82
C ASN B 158 -5.13 -26.70 -10.15
N ASP B 159 -6.19 -26.22 -10.79
CA ASP B 159 -7.51 -26.15 -10.14
C ASP B 159 -8.61 -26.16 -11.21
N THR B 160 -9.79 -26.58 -10.79
CA THR B 160 -10.96 -26.64 -11.64
C THR B 160 -11.69 -25.31 -11.70
N PHE B 161 -11.56 -24.50 -10.66
CA PHE B 161 -12.31 -23.26 -10.51
C PHE B 161 -11.52 -22.00 -10.94
N TYR B 162 -10.38 -21.78 -10.30
CA TYR B 162 -9.44 -20.73 -10.68
C TYR B 162 -8.67 -21.06 -12.00
N PRO B 163 -8.20 -20.03 -12.74
CA PRO B 163 -8.29 -18.58 -12.42
C PRO B 163 -9.59 -17.93 -12.87
N LEU B 164 -9.90 -16.78 -12.29
CA LEU B 164 -11.12 -16.02 -12.59
C LEU B 164 -10.71 -14.69 -13.21
N LYS B 165 -11.52 -14.24 -14.17
CA LYS B 165 -11.41 -12.90 -14.71
C LYS B 165 -12.55 -12.10 -14.13
N HIS B 166 -12.21 -10.94 -13.58
CA HIS B 166 -13.20 -9.98 -13.07
C HIS B 166 -13.94 -9.30 -14.23
N VAL B 167 -15.26 -9.21 -14.10
CA VAL B 167 -16.07 -8.50 -15.08
C VAL B 167 -16.50 -7.19 -14.39
N GLY B 168 -16.07 -6.07 -14.96
CA GLY B 168 -16.13 -4.76 -14.29
C GLY B 168 -17.51 -4.13 -14.25
N ILE B 169 -18.51 -4.92 -13.89
CA ILE B 169 -19.87 -4.45 -13.68
C ILE B 169 -20.11 -4.47 -12.16
N TYR B 170 -20.57 -3.36 -11.60
CA TYR B 170 -20.74 -3.25 -10.16
C TYR B 170 -22.14 -2.83 -9.73
N GLY B 171 -22.67 -3.49 -8.72
CA GLY B 171 -23.81 -2.96 -7.98
C GLY B 171 -23.34 -2.26 -6.72
N PHE B 172 -23.99 -1.13 -6.39
CA PHE B 172 -23.72 -0.35 -5.20
C PHE B 172 -25.03 0.08 -4.49
N ARG B 173 -25.04 0.08 -3.16
CA ARG B 173 -25.98 0.94 -2.45
C ARG B 173 -25.50 2.37 -2.65
N LYS B 174 -26.44 3.29 -2.86
CA LYS B 174 -26.05 4.68 -3.17
C LYS B 174 -25.05 5.24 -2.14
N GLU B 175 -25.34 5.05 -0.86
CA GLU B 175 -24.51 5.63 0.21
C GLU B 175 -23.08 5.10 0.14
N THR B 176 -22.93 3.83 -0.25
CA THR B 176 -21.61 3.20 -0.41
C THR B 176 -20.87 3.78 -1.61
N LEU B 177 -21.56 3.97 -2.73
CA LEU B 177 -20.92 4.66 -3.84
C LEU B 177 -20.43 6.08 -3.43
N MET B 178 -21.22 6.78 -2.63
CA MET B 178 -20.84 8.13 -2.12
C MET B 178 -19.58 8.11 -1.26
N GLU B 179 -19.53 7.16 -0.33
CA GLU B 179 -18.34 6.95 0.52
C GLU B 179 -17.10 6.63 -0.31
N PHE B 180 -17.27 5.81 -1.34
CA PHE B 180 -16.17 5.42 -2.20
C PHE B 180 -15.61 6.68 -2.88
N GLY B 181 -16.50 7.49 -3.45
CA GLY B 181 -16.14 8.76 -4.09
C GLY B 181 -15.48 9.72 -3.12
N ALA B 182 -15.79 9.61 -1.83
CA ALA B 182 -15.18 10.50 -0.84
C ALA B 182 -13.83 9.99 -0.31
N MET B 183 -13.55 8.70 -0.49
CA MET B 183 -12.24 8.13 -0.14
C MET B 183 -11.13 8.55 -1.13
N PRO B 184 -9.96 8.97 -0.62
CA PRO B 184 -8.89 9.30 -1.54
C PRO B 184 -8.36 8.02 -2.22
N PRO B 185 -7.78 8.13 -3.42
CA PRO B 185 -7.15 6.95 -4.02
C PRO B 185 -6.17 6.32 -3.03
N SER B 186 -6.25 5.02 -2.84
CA SER B 186 -5.44 4.31 -1.87
C SER B 186 -4.15 3.79 -2.51
N LYS B 187 -3.28 3.18 -1.70
CA LYS B 187 -1.94 2.77 -2.11
C LYS B 187 -1.90 1.65 -3.18
N LEU B 188 -2.56 0.51 -2.90
CA LEU B 188 -2.56 -0.58 -3.85
C LEU B 188 -3.40 -0.23 -5.08
N GLU B 189 -4.51 0.50 -4.87
CA GLU B 189 -5.27 1.03 -5.99
C GLU B 189 -4.37 1.71 -7.00
N GLN B 190 -3.55 2.64 -6.57
CA GLN B 190 -2.70 3.39 -7.49
C GLN B 190 -1.54 2.58 -8.03
N ILE B 191 -1.02 1.65 -7.23
CA ILE B 191 0.05 0.76 -7.74
C ILE B 191 -0.47 -0.11 -8.89
N GLU B 192 -1.61 -0.75 -8.66
CA GLU B 192 -2.22 -1.69 -9.62
C GLU B 192 -2.96 -1.00 -10.75
N GLY B 193 -3.43 0.24 -10.53
CA GLY B 193 -4.32 0.91 -11.48
C GLY B 193 -5.72 0.29 -11.40
N LEU B 194 -6.18 0.02 -10.19
CA LEU B 194 -7.45 -0.67 -9.94
C LEU B 194 -8.30 0.01 -8.88
N GLU B 195 -9.29 0.80 -9.31
CA GLU B 195 -10.13 1.55 -8.36
C GLU B 195 -10.82 0.69 -7.29
N GLN B 196 -11.29 -0.49 -7.67
CA GLN B 196 -11.97 -1.38 -6.73
C GLN B 196 -11.13 -1.71 -5.48
N LEU B 197 -9.81 -1.55 -5.58
CA LEU B 197 -8.95 -1.86 -4.42
C LEU B 197 -9.13 -0.84 -3.32
N ARG B 198 -9.51 0.39 -3.68
CA ARG B 198 -9.85 1.40 -2.68
C ARG B 198 -10.87 0.82 -1.71
N LEU B 199 -11.85 0.11 -2.21
CA LEU B 199 -12.86 -0.51 -1.35
C LEU B 199 -12.25 -1.54 -0.40
N LEU B 200 -11.49 -2.49 -0.94
CA LEU B 200 -10.81 -3.49 -0.09
C LEU B 200 -9.87 -2.86 0.92
N GLU B 201 -9.06 -1.88 0.49
CA GLU B 201 -8.08 -1.27 1.41
C GLU B 201 -8.77 -0.49 2.54
N ASN B 202 -10.02 -0.08 2.28
CA ASN B 202 -10.79 0.64 3.27
C ASN B 202 -11.76 -0.29 4.00
N GLY B 203 -11.59 -1.59 3.78
CA GLY B 203 -12.35 -2.61 4.51
C GLY B 203 -13.83 -2.75 4.14
N ILE B 204 -14.21 -2.34 2.93
CA ILE B 204 -15.57 -2.57 2.42
C ILE B 204 -15.57 -3.90 1.66
N LYS B 205 -16.47 -4.78 2.06
CA LYS B 205 -16.60 -6.10 1.46
C LYS B 205 -17.20 -6.01 0.04
N ILE B 206 -16.60 -6.73 -0.88
CA ILE B 206 -17.14 -6.84 -2.23
C ILE B 206 -17.56 -8.28 -2.46
N LYS B 207 -18.87 -8.49 -2.63
CA LYS B 207 -19.42 -9.79 -2.96
C LYS B 207 -19.23 -10.06 -4.45
N VAL B 208 -18.62 -11.20 -4.77
CA VAL B 208 -18.38 -11.57 -6.14
C VAL B 208 -19.25 -12.78 -6.50
N LEU B 209 -20.09 -12.61 -7.52
CA LEU B 209 -20.91 -13.72 -8.04
C LEU B 209 -20.26 -14.24 -9.30
N ILE B 210 -20.23 -15.55 -9.42
CA ILE B 210 -19.66 -16.20 -10.56
C ILE B 210 -20.72 -16.36 -11.64
N THR B 211 -20.44 -15.83 -12.83
CA THR B 211 -21.32 -15.97 -13.97
C THR B 211 -20.65 -16.87 -15.02
N GLU B 212 -21.47 -17.63 -15.76
CA GLU B 212 -21.02 -18.45 -16.89
C GLU B 212 -21.26 -17.73 -18.23
N ASN B 213 -21.96 -16.59 -18.19
CA ASN B 213 -22.17 -15.81 -19.42
C ASN B 213 -20.86 -15.19 -19.90
N TYR B 214 -20.73 -15.04 -21.22
CA TYR B 214 -19.59 -14.43 -21.85
C TYR B 214 -19.67 -12.90 -21.77
N TYR B 215 -18.62 -12.28 -21.26
CA TYR B 215 -18.48 -10.82 -21.26
C TYR B 215 -17.09 -10.52 -21.83
N HIS B 216 -16.94 -9.36 -22.47
CA HIS B 216 -15.62 -8.90 -22.94
C HIS B 216 -15.69 -7.40 -23.20
N GLY B 217 -14.85 -6.64 -22.52
CA GLY B 217 -14.84 -5.17 -22.68
C GLY B 217 -14.20 -4.82 -24.03
N VAL B 218 -14.62 -3.71 -24.63
CA VAL B 218 -14.00 -3.25 -25.87
C VAL B 218 -13.13 -2.02 -25.57
N ASP B 219 -11.82 -2.25 -25.51
CA ASP B 219 -10.84 -1.20 -25.25
C ASP B 219 -9.94 -0.90 -26.42
N THR B 220 -9.70 -1.92 -27.25
CA THR B 220 -8.81 -1.81 -28.42
C THR B 220 -9.46 -2.41 -29.67
N GLU B 221 -8.86 -2.15 -30.83
CA GLU B 221 -9.30 -2.72 -32.10
C GLU B 221 -9.40 -4.25 -32.04
N GLU B 222 -8.43 -4.88 -31.39
CA GLU B 222 -8.42 -6.33 -31.18
C GLU B 222 -9.66 -6.83 -30.41
N ASP B 223 -10.03 -6.13 -29.32
CA ASP B 223 -11.21 -6.46 -28.54
C ASP B 223 -12.47 -6.38 -29.42
N LEU B 224 -12.53 -5.34 -30.25
CA LEU B 224 -13.67 -5.13 -31.14
C LEU B 224 -13.85 -6.32 -32.09
N LYS B 225 -12.75 -6.78 -32.69
CA LYS B 225 -12.76 -7.99 -33.54
C LYS B 225 -13.17 -9.24 -32.79
N ILE B 226 -12.60 -9.42 -31.60
CA ILE B 226 -13.01 -10.51 -30.71
C ILE B 226 -14.55 -10.48 -30.50
N VAL B 227 -15.06 -9.33 -30.09
CA VAL B 227 -16.47 -9.18 -29.81
C VAL B 227 -17.32 -9.43 -31.08
N GLU B 228 -16.94 -8.86 -32.22
CA GLU B 228 -17.61 -9.11 -33.50
C GLU B 228 -17.69 -10.62 -33.83
N GLU B 229 -16.56 -11.33 -33.66
CA GLU B 229 -16.54 -12.80 -33.88
C GLU B 229 -17.54 -13.54 -32.98
N LYS B 230 -17.58 -13.18 -31.70
CA LYS B 230 -18.54 -13.77 -30.76
C LYS B 230 -19.99 -13.52 -31.22
N LEU B 231 -20.28 -12.28 -31.60
CA LEU B 231 -21.63 -11.91 -31.95
C LEU B 231 -22.13 -12.52 -33.26
N LYS B 232 -21.19 -12.92 -34.12
CA LYS B 232 -21.52 -13.64 -35.35
C LYS B 232 -21.50 -15.18 -35.17
N ASN B 233 -21.51 -15.66 -33.93
CA ASN B 233 -21.39 -17.09 -33.66
C ASN B 233 -22.29 -17.58 -32.51
N LEU B 234 -23.38 -16.86 -32.24
CA LEU B 234 -24.40 -17.29 -31.30
C LEU B 234 -25.34 -18.35 -31.92
N ARG C 3 -5.54 25.69 -0.43
CA ARG C 3 -4.17 25.09 -0.24
C ARG C 3 -3.18 25.48 -1.33
N ALA C 4 -1.90 25.54 -0.94
CA ALA C 4 -0.82 25.79 -1.90
C ALA C 4 0.53 25.31 -1.36
N VAL C 5 1.45 25.02 -2.29
CA VAL C 5 2.82 24.66 -1.94
C VAL C 5 3.74 25.83 -2.30
N ILE C 6 4.53 26.30 -1.35
CA ILE C 6 5.45 27.43 -1.58
C ILE C 6 6.90 26.99 -1.40
N ILE C 7 7.73 27.39 -2.37
CA ILE C 7 9.15 27.04 -2.41
C ILE C 7 10.01 28.30 -2.24
N PRO C 8 10.74 28.43 -1.10
CA PRO C 8 11.66 29.56 -0.93
C PRO C 8 12.98 29.26 -1.63
N ALA C 9 13.42 30.17 -2.47
CA ALA C 9 14.64 29.93 -3.24
C ALA C 9 15.40 31.21 -3.53
N ARG C 10 16.20 31.66 -2.56
CA ARG C 10 17.04 32.83 -2.77
C ARG C 10 18.26 32.44 -3.59
N LEU C 11 18.81 33.42 -4.30
CA LEU C 11 19.97 33.21 -5.16
C LEU C 11 21.29 33.21 -4.36
N GLY C 12 21.37 34.06 -3.34
CA GLY C 12 22.63 34.29 -2.59
C GLY C 12 23.07 33.23 -1.58
N SER C 13 22.89 31.96 -1.90
CA SER C 13 23.41 30.87 -1.07
C SER C 13 24.94 30.91 -0.97
N THR C 14 25.50 30.44 0.13
CA THR C 14 26.94 30.61 0.42
C THR C 14 27.78 29.33 0.25
N ARG C 15 27.26 28.19 0.68
CA ARG C 15 27.96 26.89 0.52
C ARG C 15 28.01 26.42 -0.95
N LEU C 16 27.11 26.94 -1.78
CA LEU C 16 27.10 26.68 -3.22
C LEU C 16 26.65 27.95 -3.93
N LYS C 17 27.45 28.41 -4.88
CA LYS C 17 27.15 29.64 -5.62
C LYS C 17 25.90 29.44 -6.49
N GLU C 18 24.93 30.35 -6.37
CA GLU C 18 23.70 30.32 -7.18
C GLU C 18 23.00 28.94 -7.23
N LYS C 19 22.81 28.37 -6.03
CA LYS C 19 22.26 27.01 -5.83
C LYS C 19 21.07 26.66 -6.73
N PRO C 20 20.00 27.50 -6.74
CA PRO C 20 18.81 27.18 -7.55
C PRO C 20 19.08 27.03 -9.05
N LEU C 21 20.14 27.70 -9.53
CA LEU C 21 20.50 27.68 -10.95
C LEU C 21 21.47 26.54 -11.27
N LYS C 22 22.06 25.96 -10.23
CA LYS C 22 23.07 24.93 -10.39
C LYS C 22 22.50 23.75 -11.16
N ASN C 23 23.16 23.41 -12.26
CA ASN C 23 22.74 22.31 -13.11
C ASN C 23 22.73 20.95 -12.40
N LEU C 24 21.63 20.23 -12.57
CA LEU C 24 21.46 18.89 -12.03
C LEU C 24 20.94 17.98 -13.15
N LEU C 25 21.86 17.29 -13.83
CA LEU C 25 21.55 16.33 -14.89
C LEU C 25 20.64 16.91 -16.00
N GLY C 26 21.03 18.08 -16.53
CA GLY C 26 20.28 18.70 -17.63
C GLY C 26 19.34 19.85 -17.29
N LYS C 27 19.03 20.03 -16.01
CA LYS C 27 18.16 21.13 -15.56
C LYS C 27 18.75 21.79 -14.32
N PRO C 28 18.43 23.08 -14.09
CA PRO C 28 18.78 23.71 -12.80
C PRO C 28 18.05 23.04 -11.64
N LEU C 29 18.72 22.95 -10.49
CA LEU C 29 18.16 22.40 -9.26
C LEU C 29 16.68 22.74 -9.03
N ILE C 30 16.34 24.03 -9.12
CA ILE C 30 14.98 24.52 -8.80
C ILE C 30 13.91 23.96 -9.77
N ARG C 31 14.30 23.78 -11.02
CA ARG C 31 13.43 23.21 -12.04
C ARG C 31 12.96 21.82 -11.60
N TRP C 32 13.86 21.04 -11.01
CA TRP C 32 13.51 19.73 -10.46
C TRP C 32 12.40 19.84 -9.42
N VAL C 33 12.59 20.74 -8.45
CA VAL C 33 11.64 20.90 -7.38
C VAL C 33 10.28 21.29 -7.97
N VAL C 34 10.30 22.27 -8.89
CA VAL C 34 9.10 22.85 -9.44
C VAL C 34 8.30 21.86 -10.30
N GLU C 35 9.03 21.15 -11.17
CA GLU C 35 8.42 20.13 -12.03
C GLU C 35 7.72 19.05 -11.23
N GLY C 36 8.45 18.51 -10.23
CA GLY C 36 7.90 17.50 -9.31
C GLY C 36 6.62 17.97 -8.66
N LEU C 37 6.62 19.22 -8.21
CA LEU C 37 5.49 19.77 -7.47
C LEU C 37 4.28 20.05 -8.35
N VAL C 38 4.55 20.50 -9.57
CA VAL C 38 3.50 20.82 -10.51
C VAL C 38 2.73 19.56 -10.95
N LYS C 39 3.44 18.49 -11.25
CA LYS C 39 2.75 17.25 -11.67
C LYS C 39 1.90 16.69 -10.53
N THR C 40 2.06 17.28 -9.35
CA THR C 40 1.25 16.96 -8.19
C THR C 40 -0.19 17.50 -8.28
N GLY C 41 -0.44 18.42 -9.20
CA GLY C 41 -1.76 19.03 -9.36
C GLY C 41 -2.07 20.16 -8.38
N GLU C 42 -1.22 20.35 -7.38
CA GLU C 42 -1.40 21.43 -6.40
C GLU C 42 -0.97 22.77 -7.02
N ARG C 43 -1.47 23.88 -6.49
CA ARG C 43 -0.95 25.20 -6.86
C ARG C 43 0.44 25.37 -6.23
N VAL C 44 1.42 25.68 -7.08
CA VAL C 44 2.83 25.78 -6.70
C VAL C 44 3.30 27.24 -6.84
N ILE C 45 3.89 27.77 -5.78
CA ILE C 45 4.39 29.16 -5.76
C ILE C 45 5.88 29.16 -5.45
N LEU C 46 6.66 29.76 -6.35
CA LEU C 46 8.07 29.98 -6.09
C LEU C 46 8.30 31.37 -5.50
N ALA C 47 8.93 31.42 -4.34
CA ALA C 47 9.30 32.68 -3.73
C ALA C 47 10.81 32.89 -3.88
N THR C 48 11.19 33.97 -4.57
CA THR C 48 12.59 34.24 -4.84
C THR C 48 12.93 35.74 -4.87
N ASP C 49 14.22 36.08 -4.82
CA ASP C 49 14.68 37.46 -4.94
C ASP C 49 15.35 37.67 -6.28
N SER C 50 15.25 36.67 -7.14
CA SER C 50 16.09 36.64 -8.33
C SER C 50 15.27 36.56 -9.62
N GLU C 51 15.61 37.41 -10.58
CA GLU C 51 14.99 37.38 -11.89
C GLU C 51 15.44 36.15 -12.69
N ARG C 52 16.75 35.86 -12.62
CA ARG C 52 17.33 34.69 -13.27
C ARG C 52 16.59 33.43 -12.86
N VAL C 53 16.47 33.21 -11.55
CA VAL C 53 15.73 32.08 -10.97
C VAL C 53 14.28 32.03 -11.49
N LYS C 54 13.61 33.18 -11.41
CA LYS C 54 12.25 33.33 -11.94
C LYS C 54 12.17 32.83 -13.40
N GLU C 55 13.13 33.27 -14.23
CA GLU C 55 13.10 32.97 -15.67
C GLU C 55 13.16 31.47 -15.98
N VAL C 56 13.75 30.70 -15.07
CA VAL C 56 13.89 29.25 -15.21
C VAL C 56 12.60 28.44 -15.01
N VAL C 57 11.74 28.87 -14.08
CA VAL C 57 10.51 28.10 -13.81
C VAL C 57 9.22 28.88 -14.10
N GLU C 58 9.40 30.02 -14.77
CA GLU C 58 8.36 30.99 -15.14
C GLU C 58 7.13 30.34 -15.81
N ASP C 59 7.41 29.42 -16.72
CA ASP C 59 6.40 28.74 -17.57
C ASP C 59 5.52 27.72 -16.83
N LEU C 60 5.96 27.31 -15.64
CA LEU C 60 5.35 26.16 -14.95
C LEU C 60 4.49 26.53 -13.73
N CYS C 61 4.87 27.60 -13.04
CA CYS C 61 4.19 27.98 -11.80
C CYS C 61 4.22 29.50 -11.57
N GLU C 62 3.47 29.94 -10.56
CA GLU C 62 3.52 31.31 -10.08
C GLU C 62 4.88 31.59 -9.43
N VAL C 63 5.38 32.80 -9.62
CA VAL C 63 6.63 33.25 -8.98
C VAL C 63 6.40 34.58 -8.25
N PHE C 64 6.69 34.58 -6.94
CA PHE C 64 6.54 35.79 -6.11
C PHE C 64 7.91 36.36 -5.81
N LEU C 65 8.06 37.65 -6.09
CA LEU C 65 9.25 38.40 -5.78
C LEU C 65 9.28 38.66 -4.28
N THR C 66 10.45 38.47 -3.67
CA THR C 66 10.63 38.69 -2.25
C THR C 66 11.94 39.46 -2.00
N PRO C 67 12.05 40.15 -0.84
CA PRO C 67 13.28 40.89 -0.52
C PRO C 67 14.49 39.96 -0.33
N SER C 68 15.63 40.36 -0.89
CA SER C 68 16.88 39.59 -0.79
C SER C 68 17.36 39.34 0.63
N ASP C 69 17.05 40.26 1.55
CA ASP C 69 17.59 40.20 2.90
C ASP C 69 16.66 39.55 3.94
N LEU C 70 15.61 38.86 3.49
CA LEU C 70 14.86 38.04 4.43
C LEU C 70 15.84 37.03 5.02
N PRO C 71 15.80 36.82 6.36
CA PRO C 71 16.86 36.05 7.04
C PRO C 71 16.74 34.52 6.95
N SER C 72 15.57 34.01 6.58
CA SER C 72 15.39 32.55 6.51
C SER C 72 14.39 32.13 5.44
N GLY C 73 14.44 30.85 5.05
CA GLY C 73 13.47 30.28 4.11
C GLY C 73 12.05 30.44 4.60
N SER C 74 11.86 30.16 5.88
CA SER C 74 10.56 30.30 6.52
C SER C 74 10.07 31.76 6.53
N ASP C 75 10.98 32.72 6.69
CA ASP C 75 10.61 34.12 6.55
C ASP C 75 10.16 34.47 5.11
N ARG C 76 10.84 33.90 4.12
CA ARG C 76 10.44 34.06 2.72
C ARG C 76 9.06 33.47 2.41
N VAL C 77 8.73 32.34 3.02
CA VAL C 77 7.40 31.74 2.86
C VAL C 77 6.34 32.59 3.56
N LEU C 78 6.62 33.03 4.78
CA LEU C 78 5.75 33.97 5.51
C LEU C 78 5.43 35.24 4.72
N TYR C 79 6.46 35.78 4.05
CA TYR C 79 6.31 36.99 3.23
C TYR C 79 5.14 36.82 2.24
N VAL C 80 5.13 35.73 1.50
CA VAL C 80 4.12 35.49 0.48
C VAL C 80 2.75 35.03 1.04
N VAL C 81 2.81 34.16 2.06
CA VAL C 81 1.60 33.59 2.65
C VAL C 81 0.72 34.62 3.38
N ARG C 82 1.35 35.62 4.01
CA ARG C 82 0.63 36.52 4.92
C ARG C 82 -0.51 37.34 4.30
N ASP C 83 -0.43 37.60 2.99
CA ASP C 83 -1.56 38.21 2.26
C ASP C 83 -2.15 37.28 1.20
N LEU C 84 -1.73 36.01 1.21
CA LEU C 84 -2.26 35.02 0.29
C LEU C 84 -3.59 34.44 0.80
N ASP C 85 -4.61 34.45 -0.06
CA ASP C 85 -5.92 33.90 0.31
C ASP C 85 -5.90 32.38 0.18
N VAL C 86 -5.53 31.73 1.27
CA VAL C 86 -5.32 30.29 1.29
C VAL C 86 -5.43 29.81 2.75
N ASP C 87 -5.75 28.52 2.94
CA ASP C 87 -6.01 27.99 4.28
C ASP C 87 -4.87 27.11 4.81
N LEU C 88 -4.32 26.26 3.95
CA LEU C 88 -3.23 25.37 4.30
C LEU C 88 -2.08 25.53 3.31
N ILE C 89 -0.86 25.40 3.80
CA ILE C 89 0.31 25.48 2.93
C ILE C 89 1.30 24.38 3.20
N ILE C 90 2.16 24.12 2.22
CA ILE C 90 3.35 23.32 2.43
C ILE C 90 4.53 24.23 2.18
N ASN C 91 5.49 24.20 3.09
CA ASN C 91 6.76 24.88 2.93
C ASN C 91 7.75 23.82 2.45
N TYR C 92 8.03 23.86 1.15
CA TYR C 92 8.89 22.88 0.49
C TYR C 92 10.19 23.55 0.10
N GLN C 93 11.32 22.98 0.52
CA GLN C 93 12.63 23.64 0.32
C GLN C 93 13.06 23.68 -1.14
N GLY C 94 13.70 24.78 -1.53
CA GLY C 94 14.17 24.98 -2.89
C GLY C 94 15.30 24.05 -3.30
N ASP C 95 15.98 23.47 -2.32
CA ASP C 95 17.12 22.61 -2.60
C ASP C 95 16.84 21.13 -2.34
N GLU C 96 15.54 20.78 -2.38
CA GLU C 96 15.07 19.39 -2.27
C GLU C 96 14.47 18.92 -3.60
N PRO C 97 15.31 18.28 -4.46
CA PRO C 97 14.90 17.92 -5.83
C PRO C 97 13.99 16.68 -5.94
N PHE C 98 13.76 15.96 -4.85
CA PHE C 98 12.87 14.80 -4.88
C PHE C 98 11.47 15.23 -4.43
N VAL C 99 10.45 14.74 -5.12
CA VAL C 99 9.04 15.06 -4.83
C VAL C 99 8.15 13.81 -5.04
N TYR C 100 7.24 13.56 -4.10
CA TYR C 100 6.34 12.43 -4.18
C TYR C 100 4.90 12.89 -3.94
N GLU C 101 4.05 12.67 -4.94
CA GLU C 101 2.64 13.04 -4.82
C GLU C 101 2.01 12.47 -3.53
N GLU C 102 2.32 11.22 -3.23
CA GLU C 102 1.69 10.57 -2.08
C GLU C 102 2.01 11.33 -0.78
N ASP C 103 3.27 11.77 -0.64
CA ASP C 103 3.69 12.53 0.55
C ASP C 103 3.02 13.89 0.65
N ILE C 104 2.96 14.61 -0.47
CA ILE C 104 2.23 15.87 -0.56
C ILE C 104 0.76 15.71 -0.15
N LYS C 105 0.10 14.71 -0.73
CA LYS C 105 -1.30 14.42 -0.41
C LYS C 105 -1.49 14.09 1.07
N LEU C 106 -0.63 13.21 1.59
CA LEU C 106 -0.63 12.81 3.01
C LEU C 106 -0.49 13.98 3.99
N ILE C 107 0.38 14.93 3.65
CA ILE C 107 0.59 16.10 4.48
C ILE C 107 -0.70 16.93 4.54
N PHE C 108 -1.28 17.20 3.37
CA PHE C 108 -2.54 17.95 3.33
C PHE C 108 -3.67 17.23 4.07
N ARG C 109 -3.70 15.90 3.94
CA ARG C 109 -4.69 15.07 4.63
C ARG C 109 -4.60 15.20 6.16
N GLU C 110 -3.37 15.19 6.69
CA GLU C 110 -3.15 15.33 8.13
C GLU C 110 -3.64 16.69 8.65
N LEU C 111 -3.29 17.75 7.92
CA LEU C 111 -3.75 19.11 8.23
C LEU C 111 -5.27 19.21 8.26
N GLU C 112 -5.93 18.49 7.36
CA GLU C 112 -7.38 18.56 7.25
C GLU C 112 -8.11 17.73 8.30
N LYS C 113 -7.39 16.81 8.93
CA LYS C 113 -7.92 16.07 10.08
C LYS C 113 -8.05 16.99 11.30
N GLY C 114 -7.17 17.99 11.35
CA GLY C 114 -7.15 18.94 12.44
C GLY C 114 -5.74 19.29 12.90
N GLU C 115 -4.74 18.66 12.31
CA GLU C 115 -3.35 18.98 12.64
C GLU C 115 -2.97 20.41 12.23
N ARG C 116 -2.02 20.99 12.95
CA ARG C 116 -1.60 22.36 12.73
C ARG C 116 -0.25 22.42 12.03
N VAL C 117 0.64 21.52 12.45
CA VAL C 117 1.93 21.37 11.80
C VAL C 117 2.17 19.90 11.55
N VAL C 118 2.61 19.57 10.33
CA VAL C 118 3.08 18.22 10.01
C VAL C 118 4.33 18.25 9.15
N THR C 119 5.18 17.25 9.38
CA THR C 119 6.44 17.14 8.67
C THR C 119 6.78 15.67 8.46
N LEU C 120 7.98 15.41 7.96
CA LEU C 120 8.40 14.07 7.53
C LEU C 120 9.71 13.67 8.15
N ALA C 121 9.88 12.37 8.31
CA ALA C 121 11.13 11.76 8.75
C ALA C 121 11.34 10.40 8.09
N ARG C 122 12.61 10.08 7.81
CA ARG C 122 12.94 8.74 7.35
C ARG C 122 13.91 8.01 8.28
N LYS C 123 13.74 6.69 8.30
CA LYS C 123 14.67 5.80 8.96
C LYS C 123 15.99 5.96 8.24
N ASP C 124 17.05 6.22 9.00
CA ASP C 124 18.34 6.52 8.39
C ASP C 124 19.45 6.38 9.42
N LYS C 125 20.22 5.30 9.32
CA LYS C 125 21.25 4.97 10.31
C LYS C 125 22.44 5.93 10.23
N GLU C 126 22.84 6.29 9.02
CA GLU C 126 24.08 7.02 8.80
C GLU C 126 24.01 8.52 9.13
N ALA C 127 22.79 9.04 9.30
CA ALA C 127 22.56 10.43 9.72
C ALA C 127 22.79 10.68 11.23
N TYR C 128 22.93 9.60 11.99
CA TYR C 128 22.98 9.59 13.46
C TYR C 128 23.96 10.57 14.12
N GLU C 129 25.24 10.48 13.77
CA GLU C 129 26.29 11.28 14.41
C GLU C 129 26.69 12.48 13.59
N ARG C 130 25.95 12.72 12.52
CA ARG C 130 26.19 13.85 11.64
C ARG C 130 25.43 15.08 12.17
N PRO C 131 26.17 16.10 12.65
CA PRO C 131 25.60 17.33 13.20
C PRO C 131 24.66 18.11 12.25
N GLU C 132 24.97 18.12 10.96
CA GLU C 132 24.15 18.83 9.97
C GLU C 132 22.81 18.17 9.71
N ASP C 133 22.66 16.93 10.16
CA ASP C 133 21.38 16.21 10.02
C ASP C 133 20.58 16.28 11.32
N VAL C 134 19.28 16.49 11.18
CA VAL C 134 18.41 16.68 12.34
C VAL C 134 17.74 15.37 12.65
N LYS C 135 17.88 14.96 13.90
CA LYS C 135 17.21 13.80 14.41
C LYS C 135 15.93 14.22 15.08
N VAL C 136 14.98 13.30 15.09
CA VAL C 136 13.74 13.53 15.81
C VAL C 136 13.34 12.27 16.59
N VAL C 137 12.69 12.47 17.74
CA VAL C 137 12.12 11.41 18.55
C VAL C 137 10.65 11.69 18.80
N LEU C 138 9.83 10.63 18.76
CA LEU C 138 8.37 10.74 18.71
C LEU C 138 7.65 10.11 19.91
N ASP C 139 6.45 10.63 20.23
CA ASP C 139 5.58 9.93 21.16
C ASP C 139 4.86 8.75 20.44
N ARG C 140 3.97 8.07 21.15
CA ARG C 140 3.22 6.94 20.58
C ARG C 140 2.41 7.30 19.34
N GLU C 141 1.99 8.55 19.26
CA GLU C 141 1.10 8.98 18.17
C GLU C 141 1.83 9.60 17.01
N GLY C 142 3.16 9.61 17.06
CA GLY C 142 3.97 10.20 16.00
C GLY C 142 4.21 11.71 16.12
N TYR C 143 3.84 12.33 17.23
CA TYR C 143 4.22 13.72 17.49
C TYR C 143 5.67 13.86 17.92
N ALA C 144 6.36 14.89 17.43
CA ALA C 144 7.75 15.12 17.79
C ALA C 144 7.87 15.50 19.26
N LEU C 145 8.73 14.80 19.99
CA LEU C 145 9.05 15.15 21.36
C LEU C 145 10.15 16.21 21.34
N TYR C 146 11.14 16.00 20.47
CA TYR C 146 12.31 16.87 20.38
C TYR C 146 13.01 16.65 19.05
N PHE C 147 13.63 17.71 18.54
CA PHE C 147 14.50 17.61 17.36
C PHE C 147 15.90 17.95 17.82
N SER C 148 16.88 17.21 17.35
CA SER C 148 18.26 17.47 17.73
C SER C 148 19.32 17.12 16.69
N ARG C 149 20.43 17.84 16.80
CA ARG C 149 21.64 17.58 16.04
C ARG C 149 22.51 16.51 16.73
N SER C 150 22.39 16.42 18.06
CA SER C 150 23.04 15.39 18.85
C SER C 150 22.48 14.02 18.48
N PRO C 151 23.29 12.96 18.65
CA PRO C 151 22.81 11.61 18.31
C PRO C 151 21.70 11.12 19.25
N ILE C 152 20.44 11.26 18.84
CA ILE C 152 19.31 10.79 19.64
C ILE C 152 18.35 9.90 18.87
N PRO C 153 17.72 8.92 19.54
CA PRO C 153 17.90 8.60 20.97
C PRO C 153 19.23 7.91 21.26
N TYR C 154 19.65 7.94 22.53
CA TYR C 154 20.78 7.11 22.97
C TYR C 154 20.37 5.64 22.90
N PHE C 155 21.27 4.80 22.38
CA PHE C 155 21.00 3.38 22.22
C PHE C 155 21.67 2.57 23.33
N ARG C 156 20.98 2.42 24.46
CA ARG C 156 21.48 1.57 25.52
C ARG C 156 20.87 0.19 25.34
N LYS C 157 19.80 0.11 24.56
CA LYS C 157 19.19 -1.16 24.16
C LYS C 157 18.75 -1.03 22.69
N ASN C 158 18.49 -2.17 22.05
CA ASN C 158 18.41 -2.23 20.59
C ASN C 158 17.07 -1.89 19.95
N ASP C 159 17.17 -1.24 18.79
CA ASP C 159 16.02 -0.90 17.97
C ASP C 159 16.49 -0.50 16.57
N THR C 160 15.59 -0.67 15.59
CA THR C 160 15.90 -0.44 14.18
C THR C 160 14.84 0.45 13.52
N PHE C 161 13.82 0.85 14.29
CA PHE C 161 12.89 1.90 13.87
C PHE C 161 13.61 3.26 13.94
N TYR C 162 14.44 3.43 14.98
CA TYR C 162 15.32 4.58 15.11
C TYR C 162 16.71 4.23 14.55
N PRO C 163 17.59 5.22 14.29
CA PRO C 163 17.46 6.69 14.28
C PRO C 163 16.56 7.23 13.15
N LEU C 164 15.97 8.38 13.38
CA LEU C 164 15.18 9.03 12.35
C LEU C 164 15.91 10.29 11.88
N LYS C 165 15.89 10.53 10.58
CA LYS C 165 16.37 11.79 10.02
C LYS C 165 15.15 12.65 9.67
N HIS C 166 15.11 13.86 10.21
CA HIS C 166 14.05 14.80 9.90
C HIS C 166 14.19 15.26 8.46
N VAL C 167 13.08 15.24 7.74
CA VAL C 167 13.00 15.81 6.40
C VAL C 167 12.33 17.18 6.50
N GLY C 168 13.07 18.21 6.11
CA GLY C 168 12.70 19.60 6.36
C GLY C 168 11.63 20.16 5.45
N ILE C 169 10.54 19.40 5.30
CA ILE C 169 9.38 19.83 4.53
C ILE C 169 8.23 19.91 5.54
N TYR C 170 7.44 20.98 5.46
CA TYR C 170 6.40 21.23 6.47
C TYR C 170 5.04 21.61 5.89
N GLY C 171 3.99 21.00 6.42
CA GLY C 171 2.64 21.47 6.16
C GLY C 171 2.16 22.32 7.34
N PHE C 172 1.59 23.49 7.05
CA PHE C 172 1.05 24.37 8.08
C PHE C 172 -0.38 24.78 7.83
N ARG C 173 -1.17 24.91 8.90
CA ARG C 173 -2.34 25.76 8.80
C ARG C 173 -1.81 27.19 8.70
N LYS C 174 -2.44 28.01 7.86
CA LYS C 174 -1.97 29.37 7.64
C LYS C 174 -1.81 30.15 8.97
N GLU C 175 -2.89 30.21 9.74
CA GLU C 175 -2.93 30.99 10.98
C GLU C 175 -1.95 30.48 12.05
N THR C 176 -1.48 29.24 11.87
CA THR C 176 -0.41 28.67 12.70
C THR C 176 0.97 29.14 12.20
N LEU C 177 1.17 29.14 10.89
CA LEU C 177 2.41 29.69 10.31
C LEU C 177 2.55 31.18 10.71
N MET C 178 1.44 31.91 10.66
CA MET C 178 1.39 33.33 11.02
C MET C 178 1.87 33.61 12.44
N GLU C 179 1.45 32.78 13.40
CA GLU C 179 1.84 33.00 14.79
C GLU C 179 3.23 32.44 15.12
N PHE C 180 3.68 31.44 14.37
CA PHE C 180 5.10 31.04 14.40
C PHE C 180 5.99 32.25 14.15
N GLY C 181 5.75 32.92 13.03
CA GLY C 181 6.49 34.13 12.65
C GLY C 181 6.36 35.24 13.68
N ALA C 182 5.22 35.25 14.38
CA ALA C 182 4.98 36.25 15.42
C ALA C 182 5.48 35.81 16.81
N MET C 183 6.19 34.68 16.88
CA MET C 183 6.87 34.26 18.11
C MET C 183 8.34 34.62 17.97
N PRO C 184 8.99 35.07 19.06
CA PRO C 184 10.40 35.41 18.91
C PRO C 184 11.26 34.14 19.01
N PRO C 185 12.49 34.17 18.47
CA PRO C 185 13.30 32.95 18.55
C PRO C 185 13.38 32.46 19.99
N SER C 186 13.26 31.14 20.18
CA SER C 186 13.21 30.57 21.53
C SER C 186 14.57 30.02 21.95
N LYS C 187 14.68 29.70 23.23
CA LYS C 187 15.96 29.31 23.83
C LYS C 187 16.60 28.10 23.11
N LEU C 188 15.91 26.97 23.09
CA LEU C 188 16.48 25.75 22.50
C LEU C 188 16.74 25.91 21.01
N GLU C 189 15.78 26.54 20.31
CA GLU C 189 15.93 26.88 18.91
C GLU C 189 17.26 27.55 18.63
N GLN C 190 17.61 28.54 19.45
CA GLN C 190 18.80 29.35 19.22
C GLN C 190 20.07 28.57 19.56
N ILE C 191 19.97 27.65 20.53
CA ILE C 191 21.10 26.82 20.93
C ILE C 191 21.39 25.73 19.89
N GLU C 192 20.33 25.11 19.38
CA GLU C 192 20.45 24.04 18.39
C GLU C 192 20.64 24.55 16.96
N GLY C 193 20.04 25.71 16.65
CA GLY C 193 19.99 26.21 15.28
C GLY C 193 18.83 25.57 14.54
N LEU C 194 17.72 25.37 15.24
CA LEU C 194 16.58 24.59 14.74
C LEU C 194 15.24 25.30 14.90
N GLU C 195 14.85 26.04 13.87
CA GLU C 195 13.58 26.80 13.87
C GLU C 195 12.35 26.06 14.39
N GLN C 196 12.23 24.77 14.05
CA GLN C 196 11.06 23.95 14.44
C GLN C 196 10.91 23.83 15.95
N LEU C 197 12.00 24.06 16.67
CA LEU C 197 11.96 23.98 18.12
C LEU C 197 11.11 25.10 18.74
N ARG C 198 10.94 26.19 17.99
CA ARG C 198 10.12 27.31 18.45
C ARG C 198 8.69 26.83 18.63
N LEU C 199 8.23 26.02 17.69
CA LEU C 199 6.91 25.39 17.77
C LEU C 199 6.79 24.53 19.04
N LEU C 200 7.72 23.60 19.21
CA LEU C 200 7.73 22.69 20.39
C LEU C 200 7.87 23.45 21.71
N GLU C 201 8.68 24.50 21.71
CA GLU C 201 8.95 25.26 22.91
C GLU C 201 7.75 26.08 23.36
N ASN C 202 6.88 26.41 22.40
CA ASN C 202 5.65 27.16 22.66
C ASN C 202 4.42 26.23 22.73
N GLY C 203 4.67 24.94 22.78
CA GLY C 203 3.60 23.94 22.92
C GLY C 203 2.74 23.66 21.70
N ILE C 204 3.30 23.87 20.50
CA ILE C 204 2.60 23.53 19.27
C ILE C 204 3.02 22.13 18.86
N LYS C 205 2.04 21.26 18.65
CA LYS C 205 2.32 19.86 18.29
C LYS C 205 2.75 19.71 16.84
N ILE C 206 3.80 18.94 16.62
CA ILE C 206 4.19 18.60 15.27
C ILE C 206 3.99 17.10 15.03
N LYS C 207 3.08 16.80 14.10
CA LYS C 207 2.81 15.45 13.66
C LYS C 207 3.85 15.04 12.64
N VAL C 208 4.61 14.00 12.92
CA VAL C 208 5.64 13.54 11.98
C VAL C 208 5.15 12.30 11.25
N LEU C 209 5.30 12.29 9.92
CA LEU C 209 5.02 11.10 9.13
C LEU C 209 6.33 10.42 8.72
N ILE C 210 6.37 9.10 8.91
CA ILE C 210 7.48 8.28 8.44
C ILE C 210 7.24 7.99 6.96
N THR C 211 8.23 8.32 6.15
CA THR C 211 8.15 8.03 4.72
C THR C 211 9.34 7.15 4.32
N GLU C 212 9.07 6.17 3.45
CA GLU C 212 10.13 5.40 2.80
C GLU C 212 10.71 6.10 1.57
N ASN C 213 10.02 7.10 1.03
CA ASN C 213 10.54 7.83 -0.13
C ASN C 213 11.87 8.52 0.21
N TYR C 214 12.77 8.60 -0.78
CA TYR C 214 14.10 9.15 -0.57
C TYR C 214 14.09 10.66 -0.73
N TYR C 215 14.65 11.36 0.26
CA TYR C 215 14.86 12.81 0.21
C TYR C 215 16.30 13.12 0.57
N HIS C 216 16.83 14.16 -0.05
CA HIS C 216 18.14 14.70 0.31
C HIS C 216 18.27 16.13 -0.19
N GLY C 217 18.56 17.04 0.73
CA GLY C 217 18.79 18.44 0.39
C GLY C 217 20.17 18.67 -0.23
N VAL C 218 20.24 19.64 -1.13
CA VAL C 218 21.50 20.00 -1.77
C VAL C 218 22.06 21.28 -1.15
N ASP C 219 23.13 21.12 -0.37
CA ASP C 219 23.74 22.26 0.31
C ASP C 219 25.21 22.42 -0.08
N THR C 220 25.83 21.30 -0.44
CA THR C 220 27.25 21.24 -0.80
C THR C 220 27.43 20.50 -2.12
N GLU C 221 28.65 20.56 -2.66
CA GLU C 221 29.04 19.81 -3.87
C GLU C 221 28.92 18.28 -3.66
N GLU C 222 29.25 17.83 -2.45
CA GLU C 222 29.08 16.43 -2.02
C GLU C 222 27.61 16.02 -2.15
N ASP C 223 26.72 16.86 -1.62
CA ASP C 223 25.26 16.66 -1.71
C ASP C 223 24.78 16.51 -3.15
N LEU C 224 25.37 17.29 -4.06
CA LEU C 224 24.97 17.28 -5.47
C LEU C 224 25.22 15.91 -6.11
N LYS C 225 26.43 15.39 -5.96
CA LYS C 225 26.77 14.11 -6.58
C LYS C 225 26.07 12.88 -5.97
N ILE C 226 25.76 12.94 -4.67
CA ILE C 226 24.91 11.92 -4.04
C ILE C 226 23.49 11.99 -4.65
N VAL C 227 22.96 13.21 -4.76
CA VAL C 227 21.64 13.44 -5.35
C VAL C 227 21.61 13.07 -6.85
N GLU C 228 22.68 13.37 -7.58
CA GLU C 228 22.82 13.03 -9.00
C GLU C 228 22.50 11.55 -9.25
N GLU C 229 23.45 10.67 -8.94
CA GLU C 229 23.21 9.23 -9.05
C GLU C 229 22.27 8.76 -7.93
N LYS C 230 21.01 9.15 -8.08
CA LYS C 230 19.91 8.81 -7.20
C LYS C 230 18.62 9.06 -7.98
N LEU C 231 18.62 10.16 -8.74
CA LEU C 231 17.51 10.51 -9.65
C LEU C 231 17.45 9.59 -10.88
#